data_1HFO
#
_entry.id   1HFO
#
_cell.length_a   110.128
_cell.length_b   88.344
_cell.length_c   86.355
_cell.angle_alpha   90.00
_cell.angle_beta   131.13
_cell.angle_gamma   90.00
#
_symmetry.space_group_name_H-M   'C 1 2 1'
#
loop_
_entity.id
_entity.type
_entity.pdbx_description
1 polymer 'MIGRATION INHIBITORY FACTOR'
2 water water
#
_entity_poly.entity_id   1
_entity_poly.type   'polypeptide(L)'
_entity_poly.pdbx_seq_one_letter_code
;PIFTLNTNIKATDVPSDFLSSTSALVGNILSKPGSYVAVHINTDQQLSFGGSTNPAAFGTLMSIGGIEPSRNRDHSAKLF
DHLNTKLGIPKNRMYIHFVNLNGDDVGWNGTTF
;
_entity_poly.pdbx_strand_id   A,B,C,D,E,F
#
# COMPACT_ATOMS: atom_id res chain seq x y z
N PRO A 1 -16.00 3.42 13.26
CA PRO A 1 -17.20 2.99 12.50
C PRO A 1 -18.47 2.96 13.32
N ILE A 2 -19.60 3.13 12.64
CA ILE A 2 -20.88 3.09 13.28
C ILE A 2 -21.78 2.22 12.45
N PHE A 3 -22.44 1.28 13.11
CA PHE A 3 -23.42 0.46 12.44
C PHE A 3 -24.67 0.68 13.24
N THR A 4 -25.70 1.20 12.59
CA THR A 4 -26.95 1.48 13.25
C THR A 4 -28.08 0.83 12.44
N LEU A 5 -28.98 0.16 13.15
CA LEU A 5 -30.09 -0.56 12.53
C LEU A 5 -31.43 -0.31 13.20
N ASN A 6 -32.46 -0.20 12.38
CA ASN A 6 -33.82 0.00 12.86
C ASN A 6 -34.59 -1.24 12.44
N THR A 7 -35.35 -1.81 13.35
CA THR A 7 -36.08 -3.03 13.05
C THR A 7 -37.41 -3.12 13.78
N ASN A 8 -38.32 -3.93 13.23
CA ASN A 8 -39.63 -4.12 13.85
C ASN A 8 -39.66 -5.32 14.79
N ILE A 9 -38.59 -6.12 14.83
CA ILE A 9 -38.59 -7.27 15.71
C ILE A 9 -38.55 -6.83 17.17
N LYS A 10 -38.73 -7.78 18.08
CA LYS A 10 -38.76 -7.49 19.51
C LYS A 10 -37.36 -7.45 20.11
N ALA A 11 -37.20 -6.65 21.16
CA ALA A 11 -35.91 -6.50 21.83
C ALA A 11 -35.50 -7.83 22.43
N THR A 12 -36.49 -8.55 22.94
CA THR A 12 -36.20 -9.83 23.56
C THR A 12 -35.73 -10.85 22.51
N ASP A 13 -35.80 -10.47 21.24
CA ASP A 13 -35.36 -11.37 20.18
C ASP A 13 -33.97 -11.03 19.66
N VAL A 14 -33.34 -10.07 20.30
CA VAL A 14 -31.96 -9.68 19.96
C VAL A 14 -31.13 -10.49 20.96
N PRO A 15 -30.30 -11.40 20.48
CA PRO A 15 -29.48 -12.20 21.40
C PRO A 15 -28.50 -11.37 22.23
N SER A 16 -28.09 -11.92 23.38
CA SER A 16 -27.15 -11.26 24.28
C SER A 16 -25.80 -10.99 23.62
N ASP A 17 -25.42 -11.78 22.61
CA ASP A 17 -24.14 -11.57 21.92
C ASP A 17 -24.30 -10.82 20.60
N PHE A 18 -25.37 -10.06 20.45
CA PHE A 18 -25.53 -9.33 19.20
C PHE A 18 -24.52 -8.18 19.08
N LEU A 19 -24.41 -7.37 20.12
CA LEU A 19 -23.50 -6.22 20.09
C LEU A 19 -22.06 -6.67 19.96
N SER A 20 -21.67 -7.71 20.70
CA SER A 20 -20.30 -8.17 20.58
C SER A 20 -20.00 -8.74 19.19
N SER A 21 -20.85 -9.63 18.69
CA SER A 21 -20.60 -10.24 17.39
C SER A 21 -20.62 -9.23 16.26
N THR A 22 -21.50 -8.24 16.38
CA THR A 22 -21.61 -7.22 15.35
C THR A 22 -20.38 -6.29 15.45
N SER A 23 -19.99 -5.93 16.67
CA SER A 23 -18.82 -5.06 16.84
C SER A 23 -17.58 -5.74 16.24
N ALA A 24 -17.44 -7.03 16.51
CA ALA A 24 -16.33 -7.80 15.98
C ALA A 24 -16.35 -7.81 14.45
N LEU A 25 -17.51 -8.10 13.86
CA LEU A 25 -17.61 -8.16 12.40
C LEU A 25 -17.31 -6.83 11.72
N VAL A 26 -17.87 -5.76 12.26
CA VAL A 26 -17.65 -4.44 11.67
C VAL A 26 -16.17 -4.06 11.71
N GLY A 27 -15.52 -4.27 12.83
CA GLY A 27 -14.12 -3.92 12.94
C GLY A 27 -13.26 -4.77 12.03
N ASN A 28 -13.55 -6.06 12.01
CA ASN A 28 -12.78 -6.94 11.18
C ASN A 28 -12.97 -6.62 9.68
N ILE A 29 -14.19 -6.36 9.21
CA ILE A 29 -14.36 -6.05 7.78
C ILE A 29 -13.82 -4.69 7.33
N LEU A 30 -13.83 -3.70 8.21
CA LEU A 30 -13.34 -2.38 7.87
C LEU A 30 -11.88 -2.22 8.31
N SER A 31 -11.37 -3.22 9.03
CA SER A 31 -9.99 -3.19 9.53
C SER A 31 -9.75 -2.00 10.46
N LYS A 32 -10.69 -1.79 11.38
CA LYS A 32 -10.57 -0.73 12.36
C LYS A 32 -10.52 -1.34 13.76
N PRO A 33 -9.92 -0.63 14.72
CA PRO A 33 -9.85 -1.18 16.07
C PRO A 33 -11.24 -1.22 16.69
N GLY A 34 -11.50 -2.26 17.49
CA GLY A 34 -12.80 -2.38 18.12
C GLY A 34 -13.17 -1.20 19.01
N SER A 35 -12.17 -0.48 19.53
CA SER A 35 -12.43 0.63 20.41
C SER A 35 -13.12 1.79 19.70
N TYR A 36 -13.01 1.83 18.37
CA TYR A 36 -13.64 2.86 17.57
C TYR A 36 -14.95 2.37 16.95
N VAL A 37 -15.36 1.13 17.24
CA VAL A 37 -16.59 0.61 16.65
C VAL A 37 -17.82 0.80 17.53
N ALA A 38 -18.85 1.44 16.97
CA ALA A 38 -20.09 1.65 17.71
C ALA A 38 -21.18 0.89 16.99
N VAL A 39 -21.98 0.18 17.76
CA VAL A 39 -23.10 -0.59 17.23
C VAL A 39 -24.36 -0.21 17.96
N HIS A 40 -25.43 -0.01 17.19
CA HIS A 40 -26.70 0.41 17.74
C HIS A 40 -27.83 -0.34 17.04
N ILE A 41 -28.80 -0.80 17.82
CA ILE A 41 -29.98 -1.45 17.24
C ILE A 41 -31.20 -0.90 17.95
N ASN A 42 -32.14 -0.39 17.16
CA ASN A 42 -33.37 0.20 17.64
C ASN A 42 -34.46 -0.79 17.24
N THR A 43 -35.03 -1.47 18.24
CA THR A 43 -36.04 -2.50 18.00
C THR A 43 -37.46 -2.06 18.30
N ASP A 44 -38.40 -2.96 18.02
CA ASP A 44 -39.82 -2.72 18.28
C ASP A 44 -40.32 -1.46 17.57
N GLN A 45 -39.82 -1.26 16.36
CA GLN A 45 -40.21 -0.09 15.59
C GLN A 45 -41.35 -0.41 14.65
N GLN A 46 -42.09 0.64 14.30
CA GLN A 46 -43.19 0.50 13.36
C GLN A 46 -42.46 0.60 12.04
N LEU A 47 -42.36 -0.52 11.35
CA LEU A 47 -41.65 -0.57 10.10
C LEU A 47 -42.32 -1.50 9.11
N SER A 48 -42.52 -1.01 7.89
CA SER A 48 -43.13 -1.81 6.85
C SER A 48 -42.13 -1.90 5.71
N PHE A 49 -42.02 -3.09 5.14
CA PHE A 49 -41.10 -3.32 4.04
C PHE A 49 -41.87 -4.07 2.97
N GLY A 50 -41.87 -3.54 1.75
CA GLY A 50 -42.58 -4.19 0.67
C GLY A 50 -44.06 -4.32 0.97
N GLY A 51 -44.59 -3.40 1.77
CA GLY A 51 -46.00 -3.45 2.11
C GLY A 51 -46.43 -4.44 3.18
N SER A 52 -45.49 -4.89 4.01
CA SER A 52 -45.83 -5.82 5.07
C SER A 52 -45.02 -5.49 6.32
N THR A 53 -45.64 -5.74 7.47
CA THR A 53 -45.01 -5.47 8.75
C THR A 53 -44.25 -6.68 9.29
N ASN A 54 -43.93 -7.64 8.41
CA ASN A 54 -43.18 -8.81 8.86
C ASN A 54 -41.74 -8.39 9.13
N PRO A 55 -40.99 -9.17 9.93
CA PRO A 55 -39.60 -8.84 10.25
C PRO A 55 -38.80 -8.24 9.10
N ALA A 56 -38.25 -7.05 9.37
CA ALA A 56 -37.47 -6.30 8.39
C ALA A 56 -36.60 -5.32 9.16
N ALA A 57 -35.68 -4.67 8.45
CA ALA A 57 -34.79 -3.66 9.03
C ALA A 57 -34.09 -2.86 7.96
N PHE A 58 -33.59 -1.68 8.33
CA PHE A 58 -32.82 -0.89 7.39
C PHE A 58 -31.83 -0.20 8.32
N GLY A 59 -30.64 0.04 7.81
CA GLY A 59 -29.64 0.68 8.65
C GLY A 59 -28.54 1.29 7.83
N THR A 60 -27.50 1.75 8.52
CA THR A 60 -26.40 2.41 7.86
C THR A 60 -25.09 1.93 8.46
N LEU A 61 -24.07 1.78 7.64
CA LEU A 61 -22.74 1.45 8.12
C LEU A 61 -21.86 2.60 7.63
N MET A 62 -21.36 3.43 8.56
CA MET A 62 -20.51 4.54 8.13
C MET A 62 -19.12 4.39 8.72
N SER A 63 -18.12 4.83 7.97
CA SER A 63 -16.73 4.74 8.43
C SER A 63 -15.81 5.63 7.63
N ILE A 64 -14.73 6.08 8.25
CA ILE A 64 -13.77 6.90 7.53
C ILE A 64 -12.85 5.91 6.83
N GLY A 65 -13.13 5.65 5.56
CA GLY A 65 -12.32 4.69 4.81
C GLY A 65 -12.84 3.28 4.96
N GLY A 66 -12.38 2.40 4.07
CA GLY A 66 -12.82 1.02 4.12
C GLY A 66 -14.12 0.79 3.39
N ILE A 67 -14.81 1.87 3.07
CA ILE A 67 -16.09 1.78 2.36
C ILE A 67 -15.97 2.46 1.01
N GLU A 68 -16.35 1.74 -0.03
CA GLU A 68 -16.31 2.25 -1.39
C GLU A 68 -16.96 1.22 -2.29
N PRO A 69 -17.42 1.65 -3.47
CA PRO A 69 -18.08 0.77 -4.45
C PRO A 69 -17.40 -0.59 -4.64
N SER A 70 -16.08 -0.59 -4.81
CA SER A 70 -15.34 -1.81 -5.04
C SER A 70 -15.21 -2.71 -3.81
N ARG A 71 -15.96 -2.40 -2.76
CA ARG A 71 -15.91 -3.20 -1.55
C ARG A 71 -17.24 -3.46 -0.89
N ASN A 72 -18.23 -2.62 -1.19
CA ASN A 72 -19.54 -2.75 -0.58
C ASN A 72 -20.26 -4.05 -0.83
N ARG A 73 -19.98 -4.71 -1.96
CA ARG A 73 -20.64 -5.98 -2.24
C ARG A 73 -20.22 -7.02 -1.21
N ASP A 74 -18.93 -7.11 -0.93
CA ASP A 74 -18.45 -8.07 0.05
C ASP A 74 -18.98 -7.67 1.43
N HIS A 75 -18.90 -6.38 1.74
CA HIS A 75 -19.40 -5.91 3.02
C HIS A 75 -20.83 -6.38 3.22
N SER A 76 -21.64 -6.23 2.17
CA SER A 76 -23.06 -6.58 2.21
C SER A 76 -23.36 -8.07 2.43
N ALA A 77 -22.61 -8.91 1.74
CA ALA A 77 -22.81 -10.35 1.85
C ALA A 77 -22.61 -10.74 3.32
N LYS A 78 -21.49 -10.31 3.89
CA LYS A 78 -21.16 -10.63 5.28
C LYS A 78 -22.13 -10.07 6.31
N LEU A 79 -22.49 -8.80 6.16
CA LEU A 79 -23.41 -8.16 7.09
C LEU A 79 -24.79 -8.77 7.02
N PHE A 80 -25.28 -9.07 5.82
CA PHE A 80 -26.60 -9.66 5.71
C PHE A 80 -26.66 -11.07 6.27
N ASP A 81 -25.62 -11.84 6.04
CA ASP A 81 -25.55 -13.19 6.58
C ASP A 81 -25.60 -13.09 8.11
N HIS A 82 -24.79 -12.18 8.65
CA HIS A 82 -24.74 -11.98 10.09
C HIS A 82 -26.09 -11.58 10.68
N LEU A 83 -26.74 -10.58 10.09
CA LEU A 83 -28.03 -10.13 10.60
C LEU A 83 -29.14 -11.20 10.47
N ASN A 84 -29.16 -11.91 9.34
CA ASN A 84 -30.15 -12.96 9.15
C ASN A 84 -29.94 -14.04 10.22
N THR A 85 -28.69 -14.38 10.50
CA THR A 85 -28.39 -15.39 11.51
C THR A 85 -28.74 -14.99 12.94
N LYS A 86 -28.46 -13.75 13.32
CA LYS A 86 -28.72 -13.29 14.68
C LYS A 86 -30.12 -12.79 14.99
N LEU A 87 -30.77 -12.19 14.01
CA LEU A 87 -32.10 -11.64 14.20
C LEU A 87 -33.18 -12.42 13.46
N GLY A 88 -32.76 -13.28 12.55
CA GLY A 88 -33.71 -14.09 11.80
C GLY A 88 -34.46 -13.35 10.72
N ILE A 89 -34.01 -12.14 10.39
CA ILE A 89 -34.69 -11.34 9.36
C ILE A 89 -34.26 -11.76 7.96
N PRO A 90 -35.23 -11.94 7.04
CA PRO A 90 -34.93 -12.33 5.66
C PRO A 90 -34.03 -11.30 4.97
N LYS A 91 -33.06 -11.77 4.21
CA LYS A 91 -32.14 -10.88 3.51
C LYS A 91 -32.78 -9.94 2.51
N ASN A 92 -33.95 -10.31 1.98
CA ASN A 92 -34.62 -9.42 1.03
C ASN A 92 -35.53 -8.43 1.73
N ARG A 93 -35.45 -8.37 3.07
CA ARG A 93 -36.25 -7.44 3.84
C ARG A 93 -35.36 -6.55 4.69
N MET A 94 -34.17 -6.28 4.17
CA MET A 94 -33.21 -5.40 4.85
C MET A 94 -32.43 -4.55 3.87
N TYR A 95 -32.21 -3.29 4.25
CA TYR A 95 -31.41 -2.39 3.44
C TYR A 95 -30.29 -1.87 4.32
N ILE A 96 -29.11 -1.71 3.74
CA ILE A 96 -27.99 -1.13 4.46
C ILE A 96 -27.35 -0.06 3.58
N HIS A 97 -27.27 1.17 4.12
CA HIS A 97 -26.66 2.25 3.38
C HIS A 97 -25.20 2.35 3.81
N PHE A 98 -24.30 2.21 2.86
CA PHE A 98 -22.87 2.28 3.11
C PHE A 98 -22.39 3.71 2.88
N VAL A 99 -21.78 4.29 3.91
CA VAL A 99 -21.29 5.66 3.84
C VAL A 99 -19.82 5.82 4.14
N ASN A 100 -19.08 6.38 3.20
CA ASN A 100 -17.65 6.63 3.36
C ASN A 100 -17.54 8.07 3.86
N LEU A 101 -17.14 8.23 5.12
CA LEU A 101 -17.03 9.55 5.74
C LEU A 101 -15.67 10.21 5.56
N ASN A 102 -15.66 11.55 5.56
CA ASN A 102 -14.39 12.27 5.50
C ASN A 102 -14.04 12.57 6.94
N GLY A 103 -12.77 12.43 7.28
CA GLY A 103 -12.35 12.67 8.64
C GLY A 103 -12.82 14.00 9.19
N ASP A 104 -12.80 15.03 8.34
CA ASP A 104 -13.22 16.36 8.79
C ASP A 104 -14.69 16.48 9.15
N ASP A 105 -15.50 15.47 8.79
CA ASP A 105 -16.93 15.53 9.10
C ASP A 105 -17.29 14.66 10.32
N VAL A 106 -16.29 14.19 11.03
CA VAL A 106 -16.55 13.32 12.17
C VAL A 106 -15.92 13.79 13.46
N GLY A 107 -16.79 14.11 14.42
CA GLY A 107 -16.31 14.53 15.73
C GLY A 107 -16.18 13.33 16.65
N TRP A 108 -15.10 13.34 17.42
CA TRP A 108 -14.84 12.27 18.36
C TRP A 108 -13.83 12.81 19.36
N ASN A 109 -14.02 12.51 20.65
CA ASN A 109 -13.08 12.97 21.67
C ASN A 109 -12.96 14.50 21.69
N GLY A 110 -14.01 15.21 21.27
CA GLY A 110 -14.00 16.67 21.25
C GLY A 110 -13.22 17.33 20.13
N THR A 111 -12.76 16.52 19.18
CA THR A 111 -12.01 17.04 18.06
C THR A 111 -12.55 16.35 16.81
N THR A 112 -11.88 16.50 15.68
CA THR A 112 -12.32 15.83 14.46
C THR A 112 -11.13 15.08 13.94
N PHE A 113 -11.39 14.12 13.06
CA PHE A 113 -10.33 13.33 12.47
C PHE A 113 -9.68 14.04 11.29
N PRO B 1 -36.69 2.29 -2.12
CA PRO B 1 -36.62 3.60 -1.41
C PRO B 1 -36.93 3.44 0.07
N ILE B 2 -36.51 4.42 0.86
CA ILE B 2 -36.75 4.37 2.30
C ILE B 2 -37.26 5.67 2.83
N PHE B 3 -38.35 5.61 3.58
CA PHE B 3 -38.87 6.81 4.22
C PHE B 3 -38.89 6.55 5.72
N THR B 4 -38.13 7.34 6.47
CA THR B 4 -38.08 7.18 7.92
C THR B 4 -38.35 8.52 8.58
N LEU B 5 -39.22 8.51 9.58
CA LEU B 5 -39.63 9.73 10.23
C LEU B 5 -39.54 9.60 11.75
N ASN B 6 -39.07 10.66 12.39
CA ASN B 6 -38.97 10.69 13.84
C ASN B 6 -39.92 11.79 14.24
N THR B 7 -40.67 11.59 15.33
CA THR B 7 -41.62 12.59 15.76
C THR B 7 -41.88 12.47 17.25
N ASN B 8 -42.38 13.53 17.87
CA ASN B 8 -42.66 13.51 19.29
C ASN B 8 -44.11 13.19 19.64
N ILE B 9 -44.94 12.95 18.64
CA ILE B 9 -46.34 12.63 18.91
C ILE B 9 -46.48 11.23 19.50
N LYS B 10 -47.59 10.99 20.19
CA LYS B 10 -47.84 9.69 20.81
C LYS B 10 -48.11 8.65 19.72
N ALA B 11 -47.77 7.40 20.02
CA ALA B 11 -47.96 6.30 19.09
C ALA B 11 -49.44 6.06 18.80
N THR B 12 -50.30 6.46 19.73
CA THR B 12 -51.74 6.26 19.58
C THR B 12 -52.33 7.19 18.52
N ASP B 13 -51.66 8.32 18.28
CA ASP B 13 -52.17 9.28 17.30
C ASP B 13 -51.81 8.93 15.86
N VAL B 14 -51.10 7.84 15.67
CA VAL B 14 -50.74 7.41 14.32
C VAL B 14 -51.82 6.52 13.74
N PRO B 15 -52.39 6.88 12.58
CA PRO B 15 -53.44 6.07 11.95
C PRO B 15 -52.94 4.66 11.64
N SER B 16 -53.82 3.68 11.81
CA SER B 16 -53.46 2.29 11.56
C SER B 16 -53.15 2.01 10.09
N ASP B 17 -53.54 2.93 9.22
CA ASP B 17 -53.29 2.76 7.79
C ASP B 17 -52.07 3.57 7.36
N PHE B 18 -51.48 4.29 8.31
CA PHE B 18 -50.31 5.11 8.04
C PHE B 18 -49.21 4.38 7.25
N LEU B 19 -48.76 3.25 7.76
CA LEU B 19 -47.71 2.51 7.06
C LEU B 19 -48.10 2.11 5.64
N SER B 20 -49.25 1.46 5.50
CA SER B 20 -49.70 1.03 4.18
C SER B 20 -49.91 2.22 3.25
N SER B 21 -50.55 3.27 3.76
CA SER B 21 -50.83 4.47 2.96
C SER B 21 -49.58 5.28 2.63
N THR B 22 -48.61 5.26 3.54
CA THR B 22 -47.39 6.01 3.30
C THR B 22 -46.53 5.21 2.31
N SER B 23 -46.54 3.89 2.44
CA SER B 23 -45.76 3.04 1.54
C SER B 23 -46.23 3.20 0.10
N ALA B 24 -47.54 3.17 -0.09
CA ALA B 24 -48.10 3.33 -1.42
C ALA B 24 -47.76 4.72 -1.96
N LEU B 25 -47.90 5.74 -1.11
CA LEU B 25 -47.58 7.11 -1.50
C LEU B 25 -46.12 7.27 -1.95
N VAL B 26 -45.20 6.69 -1.19
CA VAL B 26 -43.78 6.79 -1.51
C VAL B 26 -43.47 6.12 -2.84
N GLY B 27 -44.02 4.92 -3.04
CA GLY B 27 -43.81 4.24 -4.30
C GLY B 27 -44.36 5.07 -5.44
N ASN B 28 -45.45 5.80 -5.19
CA ASN B 28 -46.04 6.63 -6.24
C ASN B 28 -45.17 7.79 -6.66
N ILE B 29 -44.83 8.67 -5.72
CA ILE B 29 -44.03 9.85 -6.04
C ILE B 29 -42.65 9.53 -6.62
N LEU B 30 -42.05 8.44 -6.17
CA LEU B 30 -40.73 8.04 -6.65
C LEU B 30 -40.83 7.07 -7.83
N SER B 31 -42.06 6.68 -8.17
CA SER B 31 -42.27 5.74 -9.26
C SER B 31 -41.45 4.45 -9.07
N LYS B 32 -41.53 3.91 -7.86
CA LYS B 32 -40.81 2.69 -7.52
C LYS B 32 -41.84 1.68 -7.04
N PRO B 33 -41.63 0.38 -7.35
CA PRO B 33 -42.56 -0.66 -6.91
C PRO B 33 -42.65 -0.75 -5.39
N GLY B 34 -43.81 -1.14 -4.89
CA GLY B 34 -43.98 -1.23 -3.45
C GLY B 34 -43.10 -2.30 -2.83
N SER B 35 -42.67 -3.28 -3.63
CA SER B 35 -41.83 -4.36 -3.15
C SER B 35 -40.48 -3.88 -2.63
N TYR B 36 -40.09 -2.69 -3.06
CA TYR B 36 -38.81 -2.12 -2.64
C TYR B 36 -38.98 -0.96 -1.69
N VAL B 37 -40.22 -0.71 -1.27
CA VAL B 37 -40.48 0.41 -0.37
C VAL B 37 -40.49 0.06 1.10
N ALA B 38 -39.76 0.85 1.88
CA ALA B 38 -39.69 0.66 3.33
C ALA B 38 -40.17 1.95 3.98
N VAL B 39 -40.99 1.81 5.00
CA VAL B 39 -41.51 2.96 5.71
C VAL B 39 -41.30 2.73 7.19
N HIS B 40 -40.87 3.78 7.88
CA HIS B 40 -40.59 3.68 9.30
C HIS B 40 -40.92 4.96 10.04
N ILE B 41 -41.56 4.81 11.19
CA ILE B 41 -41.90 5.96 12.01
C ILE B 41 -41.56 5.64 13.45
N ASN B 42 -40.79 6.53 14.06
CA ASN B 42 -40.37 6.40 15.45
C ASN B 42 -41.15 7.48 16.21
N THR B 43 -42.07 7.05 17.05
CA THR B 43 -42.90 7.99 17.80
C THR B 43 -42.50 8.15 19.25
N ASP B 44 -43.17 9.07 19.94
CA ASP B 44 -42.92 9.36 21.35
C ASP B 44 -41.51 9.84 21.65
N GLN B 45 -40.83 10.35 20.64
CA GLN B 45 -39.46 10.83 20.80
C GLN B 45 -39.34 12.18 21.49
N GLN B 46 -38.25 12.35 22.24
CA GLN B 46 -37.95 13.61 22.91
C GLN B 46 -37.41 14.52 21.80
N LEU B 47 -38.27 15.38 21.29
CA LEU B 47 -37.90 16.26 20.20
C LEU B 47 -38.42 17.68 20.36
N SER B 48 -37.52 18.65 20.21
CA SER B 48 -37.90 20.06 20.32
C SER B 48 -37.67 20.74 18.98
N PHE B 49 -38.63 21.56 18.56
CA PHE B 49 -38.52 22.28 17.31
C PHE B 49 -38.76 23.74 17.68
N GLY B 50 -37.84 24.61 17.29
CA GLY B 50 -37.99 26.02 17.60
C GLY B 50 -38.01 26.33 19.09
N GLY B 51 -37.46 25.42 19.89
CA GLY B 51 -37.42 25.63 21.32
C GLY B 51 -38.61 25.08 22.10
N SER B 52 -39.64 24.65 21.39
CA SER B 52 -40.82 24.10 22.05
C SER B 52 -40.95 22.63 21.75
N THR B 53 -41.59 21.91 22.67
CA THR B 53 -41.79 20.48 22.53
C THR B 53 -43.15 20.13 21.92
N ASN B 54 -43.74 21.07 21.19
CA ASN B 54 -45.03 20.83 20.56
C ASN B 54 -44.85 19.85 19.40
N PRO B 55 -45.95 19.24 18.92
CA PRO B 55 -45.89 18.29 17.81
C PRO B 55 -45.01 18.75 16.67
N ALA B 56 -44.01 17.92 16.35
CA ALA B 56 -43.08 18.20 15.27
C ALA B 56 -42.44 16.89 14.85
N ALA B 57 -41.66 16.94 13.77
CA ALA B 57 -41.00 15.74 13.26
C ALA B 57 -39.93 16.05 12.22
N PHE B 58 -39.01 15.11 12.03
CA PHE B 58 -38.00 15.27 11.01
C PHE B 58 -37.73 13.89 10.42
N GLY B 59 -37.39 13.83 9.14
CA GLY B 59 -37.15 12.53 8.55
C GLY B 59 -36.37 12.61 7.28
N THR B 60 -36.19 11.47 6.63
CA THR B 60 -35.44 11.38 5.39
C THR B 60 -36.18 10.49 4.40
N LEU B 61 -36.05 10.81 3.12
CA LEU B 61 -36.61 10.00 2.04
C LEU B 61 -35.38 9.73 1.17
N MET B 62 -34.99 8.46 1.08
CA MET B 62 -33.83 8.04 0.30
C MET B 62 -34.29 7.14 -0.85
N SER B 63 -33.65 7.26 -1.99
CA SER B 63 -33.97 6.41 -3.14
C SER B 63 -32.82 6.51 -4.12
N ILE B 64 -32.71 5.51 -5.00
CA ILE B 64 -31.66 5.54 -6.01
C ILE B 64 -32.29 6.21 -7.23
N GLY B 65 -31.86 7.44 -7.53
CA GLY B 65 -32.42 8.17 -8.64
C GLY B 65 -31.68 8.07 -9.97
N GLY B 66 -30.38 7.86 -9.91
CA GLY B 66 -29.59 7.75 -11.14
C GLY B 66 -29.68 8.94 -12.08
N ILE B 67 -29.97 8.67 -13.35
CA ILE B 67 -30.08 9.71 -14.36
C ILE B 67 -31.49 10.31 -14.46
N GLU B 68 -31.96 10.89 -13.35
CA GLU B 68 -33.28 11.50 -13.30
C GLU B 68 -33.26 12.87 -12.61
N PRO B 69 -34.32 13.66 -12.77
CA PRO B 69 -34.44 15.00 -12.17
C PRO B 69 -34.41 14.99 -10.65
N SER B 70 -34.93 16.06 -10.04
CA SER B 70 -34.97 16.16 -8.58
C SER B 70 -36.41 15.97 -8.10
N ARG B 71 -37.25 16.96 -8.35
CA ARG B 71 -38.66 16.91 -7.96
C ARG B 71 -38.88 16.96 -6.46
N ASN B 72 -37.86 17.35 -5.71
CA ASN B 72 -37.99 17.41 -4.26
C ASN B 72 -39.06 18.38 -3.80
N ARG B 73 -39.26 19.45 -4.56
CA ARG B 73 -40.27 20.43 -4.17
C ARG B 73 -41.66 19.83 -4.33
N ASP B 74 -41.85 19.07 -5.40
CA ASP B 74 -43.14 18.42 -5.62
C ASP B 74 -43.31 17.29 -4.61
N HIS B 75 -42.22 16.59 -4.30
CA HIS B 75 -42.25 15.49 -3.34
C HIS B 75 -42.58 16.04 -1.94
N SER B 76 -41.97 17.17 -1.59
CA SER B 76 -42.21 17.77 -0.28
C SER B 76 -43.66 18.23 -0.10
N ALA B 77 -44.25 18.76 -1.17
CA ALA B 77 -45.62 19.22 -1.07
C ALA B 77 -46.53 18.02 -0.87
N LYS B 78 -46.37 17.00 -1.70
CA LYS B 78 -47.19 15.79 -1.59
C LYS B 78 -46.95 15.07 -0.25
N LEU B 79 -45.70 15.03 0.22
CA LEU B 79 -45.39 14.36 1.49
C LEU B 79 -45.91 15.12 2.71
N PHE B 80 -45.71 16.43 2.73
CA PHE B 80 -46.19 17.23 3.86
C PHE B 80 -47.71 17.18 4.00
N ASP B 81 -48.43 17.17 2.88
CA ASP B 81 -49.89 17.07 2.95
C ASP B 81 -50.23 15.74 3.61
N HIS B 82 -49.63 14.67 3.09
CA HIS B 82 -49.85 13.34 3.63
C HIS B 82 -49.63 13.33 5.14
N LEU B 83 -48.41 13.70 5.55
CA LEU B 83 -48.06 13.71 6.96
C LEU B 83 -48.91 14.64 7.79
N ASN B 84 -49.33 15.75 7.19
CA ASN B 84 -50.16 16.73 7.90
C ASN B 84 -51.60 16.24 8.05
N THR B 85 -52.13 15.64 7.00
CA THR B 85 -53.50 15.12 7.04
C THR B 85 -53.59 13.88 7.92
N LYS B 86 -52.55 13.05 7.88
CA LYS B 86 -52.51 11.82 8.66
C LYS B 86 -52.08 11.99 10.11
N LEU B 87 -51.07 12.81 10.35
CA LEU B 87 -50.56 13.02 11.71
C LEU B 87 -51.04 14.34 12.30
N GLY B 88 -51.51 15.23 11.45
CA GLY B 88 -51.99 16.52 11.91
C GLY B 88 -50.86 17.43 12.34
N ILE B 89 -49.62 16.97 12.16
CA ILE B 89 -48.47 17.77 12.56
C ILE B 89 -48.36 19.00 11.66
N PRO B 90 -48.10 20.16 12.27
CA PRO B 90 -47.96 21.43 11.53
C PRO B 90 -46.83 21.34 10.51
N LYS B 91 -47.12 21.72 9.27
CA LYS B 91 -46.14 21.66 8.20
C LYS B 91 -44.88 22.51 8.43
N ASN B 92 -45.00 23.54 9.27
CA ASN B 92 -43.85 24.41 9.54
C ASN B 92 -43.06 23.84 10.71
N ARG B 93 -43.36 22.61 11.08
CA ARG B 93 -42.66 21.96 12.18
C ARG B 93 -42.21 20.56 11.75
N MET B 94 -41.80 20.47 10.49
CA MET B 94 -41.31 19.23 9.93
C MET B 94 -40.25 19.45 8.86
N TYR B 95 -39.16 18.70 8.97
CA TYR B 95 -38.08 18.76 8.00
C TYR B 95 -38.00 17.40 7.32
N ILE B 96 -37.68 17.38 6.04
CA ILE B 96 -37.52 16.11 5.35
C ILE B 96 -36.29 16.23 4.49
N HIS B 97 -35.28 15.43 4.81
CA HIS B 97 -34.04 15.44 4.05
C HIS B 97 -34.21 14.50 2.85
N PHE B 98 -34.08 15.04 1.65
CA PHE B 98 -34.18 14.21 0.45
C PHE B 98 -32.78 13.74 0.07
N VAL B 99 -32.63 12.43 -0.05
CA VAL B 99 -31.34 11.83 -0.37
C VAL B 99 -31.37 10.98 -1.63
N ASN B 100 -30.50 11.30 -2.57
CA ASN B 100 -30.41 10.53 -3.79
C ASN B 100 -29.27 9.55 -3.56
N LEU B 101 -29.62 8.26 -3.45
CA LEU B 101 -28.65 7.20 -3.21
C LEU B 101 -28.01 6.64 -4.47
N ASN B 102 -26.76 6.21 -4.34
CA ASN B 102 -26.06 5.59 -5.45
C ASN B 102 -26.27 4.11 -5.21
N GLY B 103 -26.60 3.38 -6.27
CA GLY B 103 -26.85 1.95 -6.11
C GLY B 103 -25.73 1.18 -5.45
N ASP B 104 -24.49 1.51 -5.81
CA ASP B 104 -23.30 0.83 -5.27
C ASP B 104 -23.16 0.99 -3.76
N ASP B 105 -23.84 1.99 -3.20
CA ASP B 105 -23.78 2.24 -1.77
C ASP B 105 -24.97 1.67 -1.03
N VAL B 106 -25.82 0.93 -1.75
CA VAL B 106 -26.99 0.34 -1.11
C VAL B 106 -26.97 -1.18 -1.11
N GLY B 107 -27.03 -1.76 0.10
CA GLY B 107 -27.02 -3.19 0.24
C GLY B 107 -28.42 -3.74 0.41
N TRP B 108 -28.71 -4.83 -0.30
CA TRP B 108 -30.01 -5.48 -0.25
C TRP B 108 -29.87 -6.94 -0.69
N ASN B 109 -30.58 -7.82 0.02
CA ASN B 109 -30.57 -9.25 -0.30
C ASN B 109 -29.15 -9.80 -0.38
N GLY B 110 -28.30 -9.38 0.56
CA GLY B 110 -26.93 -9.84 0.57
C GLY B 110 -26.03 -9.35 -0.55
N THR B 111 -26.49 -8.37 -1.33
CA THR B 111 -25.68 -7.85 -2.41
C THR B 111 -25.87 -6.33 -2.46
N THR B 112 -25.44 -5.69 -3.55
CA THR B 112 -25.61 -4.24 -3.70
C THR B 112 -26.25 -3.89 -5.05
N PHE B 113 -26.83 -2.70 -5.14
CA PHE B 113 -27.43 -2.27 -6.39
C PHE B 113 -26.34 -1.52 -7.16
N PRO C 1 -31.65 23.87 11.49
CA PRO C 1 -30.65 22.78 11.74
C PRO C 1 -31.26 21.64 12.51
N ILE C 2 -30.63 20.48 12.47
CA ILE C 2 -31.12 19.35 13.24
C ILE C 2 -29.96 18.65 13.94
N PHE C 3 -30.10 18.46 15.25
CA PHE C 3 -29.10 17.73 16.02
C PHE C 3 -29.89 16.55 16.57
N THR C 4 -29.52 15.34 16.15
CA THR C 4 -30.21 14.13 16.58
C THR C 4 -29.17 13.21 17.19
N LEU C 5 -29.49 12.66 18.37
CA LEU C 5 -28.53 11.83 19.07
C LEU C 5 -29.15 10.57 19.62
N ASN C 6 -28.41 9.48 19.52
CA ASN C 6 -28.84 8.18 20.02
C ASN C 6 -27.93 7.85 21.21
N THR C 7 -28.50 7.36 22.30
CA THR C 7 -27.69 7.03 23.46
C THR C 7 -28.26 5.87 24.27
N ASN C 8 -27.38 5.20 25.00
CA ASN C 8 -27.81 4.09 25.83
C ASN C 8 -28.19 4.51 27.24
N ILE C 9 -27.91 5.75 27.62
CA ILE C 9 -28.26 6.20 28.98
C ILE C 9 -29.79 6.27 29.14
N LYS C 10 -30.25 6.14 30.38
CA LYS C 10 -31.69 6.16 30.68
C LYS C 10 -32.36 7.49 30.34
N ALA C 11 -33.63 7.42 29.96
CA ALA C 11 -34.38 8.61 29.60
C ALA C 11 -34.49 9.63 30.74
N THR C 12 -34.67 9.15 31.97
CA THR C 12 -34.79 10.05 33.12
C THR C 12 -33.47 10.70 33.48
N ASP C 13 -32.38 10.14 32.98
CA ASP C 13 -31.07 10.69 33.28
C ASP C 13 -30.76 11.90 32.40
N VAL C 14 -31.65 12.19 31.46
CA VAL C 14 -31.49 13.35 30.60
C VAL C 14 -32.10 14.53 31.35
N PRO C 15 -31.29 15.56 31.65
CA PRO C 15 -31.79 16.73 32.37
C PRO C 15 -32.93 17.44 31.65
N SER C 16 -33.96 17.83 32.41
CA SER C 16 -35.13 18.51 31.86
C SER C 16 -34.83 19.66 30.91
N ASP C 17 -33.66 20.29 31.05
CA ASP C 17 -33.29 21.41 30.20
C ASP C 17 -32.35 21.02 29.06
N PHE C 18 -32.08 19.73 28.90
CA PHE C 18 -31.20 19.31 27.83
C PHE C 18 -31.62 19.87 26.47
N LEU C 19 -32.88 19.67 26.10
CA LEU C 19 -33.37 20.17 24.80
C LEU C 19 -33.19 21.67 24.66
N SER C 20 -33.54 22.40 25.72
CA SER C 20 -33.41 23.86 25.74
C SER C 20 -31.99 24.35 25.53
N SER C 21 -31.08 23.90 26.38
CA SER C 21 -29.69 24.34 26.29
C SER C 21 -29.01 23.86 25.02
N THR C 22 -29.40 22.67 24.56
CA THR C 22 -28.79 22.14 23.34
C THR C 22 -29.28 22.94 22.13
N SER C 23 -30.57 23.27 22.14
CA SER C 23 -31.15 24.04 21.05
C SER C 23 -30.46 25.39 20.98
N ALA C 24 -30.32 26.05 22.12
CA ALA C 24 -29.66 27.35 22.17
C ALA C 24 -28.24 27.26 21.65
N LEU C 25 -27.52 26.21 22.08
CA LEU C 25 -26.14 26.03 21.67
C LEU C 25 -25.99 25.76 20.17
N VAL C 26 -26.86 24.93 19.64
CA VAL C 26 -26.79 24.61 18.23
C VAL C 26 -27.03 25.89 17.45
N GLY C 27 -28.08 26.63 17.82
CA GLY C 27 -28.36 27.87 17.14
C GLY C 27 -27.14 28.79 17.21
N ASN C 28 -26.52 28.88 18.37
CA ASN C 28 -25.34 29.74 18.53
C ASN C 28 -24.15 29.38 17.66
N ILE C 29 -23.72 28.13 17.70
CA ILE C 29 -22.55 27.75 16.93
C ILE C 29 -22.73 27.83 15.41
N LEU C 30 -23.97 27.70 14.93
CA LEU C 30 -24.27 27.73 13.50
C LEU C 30 -24.80 29.09 13.05
N SER C 31 -24.94 30.01 13.99
CA SER C 31 -25.48 31.34 13.67
C SER C 31 -26.79 31.14 12.93
N LYS C 32 -27.71 30.43 13.58
CA LYS C 32 -29.02 30.16 13.03
C LYS C 32 -30.03 30.46 14.12
N PRO C 33 -31.20 30.99 13.74
CA PRO C 33 -32.24 31.31 14.73
C PRO C 33 -32.85 30.06 15.36
N GLY C 34 -33.07 30.12 16.66
CA GLY C 34 -33.64 28.98 17.35
C GLY C 34 -34.89 28.42 16.70
N SER C 35 -35.68 29.29 16.08
CA SER C 35 -36.93 28.88 15.44
C SER C 35 -36.76 27.80 14.36
N TYR C 36 -35.56 27.66 13.83
CA TYR C 36 -35.29 26.67 12.80
C TYR C 36 -34.49 25.48 13.34
N VAL C 37 -34.23 25.50 14.64
CA VAL C 37 -33.45 24.43 15.27
C VAL C 37 -34.32 23.33 15.84
N ALA C 38 -33.99 22.10 15.49
CA ALA C 38 -34.70 20.91 15.98
C ALA C 38 -33.65 20.08 16.70
N VAL C 39 -33.98 19.62 17.90
CA VAL C 39 -33.07 18.79 18.69
C VAL C 39 -33.81 17.53 19.06
N HIS C 40 -33.12 16.40 18.90
CA HIS C 40 -33.71 15.11 19.17
C HIS C 40 -32.74 14.17 19.89
N ILE C 41 -33.22 13.54 20.95
CA ILE C 41 -32.41 12.57 21.66
C ILE C 41 -33.23 11.32 21.88
N ASN C 42 -32.67 10.22 21.40
CA ASN C 42 -33.29 8.89 21.49
C ASN C 42 -32.50 8.16 22.55
N THR C 43 -33.09 8.00 23.74
CA THR C 43 -32.41 7.34 24.85
C THR C 43 -32.80 5.87 25.01
N ASP C 44 -32.25 5.24 26.04
CA ASP C 44 -32.53 3.84 26.37
C ASP C 44 -32.24 2.91 25.19
N GLN C 45 -31.27 3.28 24.36
CA GLN C 45 -30.94 2.46 23.20
C GLN C 45 -29.92 1.39 23.47
N GLN C 46 -30.05 0.31 22.70
CA GLN C 46 -29.12 -0.80 22.76
C GLN C 46 -27.99 -0.31 21.88
N LEU C 47 -26.94 0.19 22.53
CA LEU C 47 -25.82 0.75 21.83
C LEU C 47 -24.51 0.45 22.56
N SER C 48 -23.53 -0.04 21.82
CA SER C 48 -22.23 -0.31 22.40
C SER C 48 -21.18 0.55 21.68
N PHE C 49 -20.07 0.81 22.37
CA PHE C 49 -18.95 1.56 21.82
C PHE C 49 -17.78 0.71 22.36
N GLY C 50 -16.97 0.17 21.46
CA GLY C 50 -15.87 -0.67 21.91
C GLY C 50 -16.43 -1.96 22.50
N GLY C 51 -17.65 -2.33 22.13
CA GLY C 51 -18.27 -3.55 22.64
C GLY C 51 -18.93 -3.40 23.99
N SER C 52 -18.73 -2.26 24.63
CA SER C 52 -19.31 -2.00 25.95
C SER C 52 -20.58 -1.16 25.92
N THR C 53 -21.52 -1.47 26.79
CA THR C 53 -22.73 -0.69 26.85
C THR C 53 -22.69 0.36 27.95
N ASN C 54 -21.49 0.70 28.38
CA ASN C 54 -21.33 1.75 29.37
C ASN C 54 -21.76 3.03 28.61
N PRO C 55 -22.12 4.10 29.34
CA PRO C 55 -22.55 5.33 28.69
C PRO C 55 -21.80 5.72 27.42
N ALA C 56 -22.57 5.94 26.36
CA ALA C 56 -22.03 6.30 25.06
C ALA C 56 -23.14 6.89 24.20
N ALA C 57 -22.77 7.52 23.08
CA ALA C 57 -23.78 8.10 22.18
C ALA C 57 -23.19 8.44 20.83
N PHE C 58 -24.07 8.61 19.85
CA PHE C 58 -23.62 9.03 18.54
C PHE C 58 -24.79 9.80 17.92
N GLY C 59 -24.46 10.80 17.13
CA GLY C 59 -25.50 11.62 16.56
C GLY C 59 -25.02 12.28 15.29
N THR C 60 -25.88 13.12 14.76
CA THR C 60 -25.61 13.85 13.54
C THR C 60 -26.06 15.28 13.78
N LEU C 61 -25.31 16.22 13.24
CA LEU C 61 -25.69 17.63 13.29
C LEU C 61 -25.76 18.00 11.82
N MET C 62 -26.94 18.38 11.34
CA MET C 62 -27.07 18.79 9.96
C MET C 62 -27.64 20.20 9.90
N SER C 63 -27.20 20.96 8.90
CA SER C 63 -27.66 22.33 8.76
C SER C 63 -27.44 22.80 7.33
N ILE C 64 -28.28 23.72 6.88
CA ILE C 64 -28.09 24.29 5.55
C ILE C 64 -27.16 25.43 5.89
N GLY C 65 -25.86 25.17 5.76
CA GLY C 65 -24.86 26.19 6.07
C GLY C 65 -24.36 26.14 7.51
N GLY C 66 -23.12 26.58 7.71
CA GLY C 66 -22.56 26.57 9.04
C GLY C 66 -21.65 25.39 9.31
N ILE C 67 -21.83 24.32 8.55
CA ILE C 67 -21.03 23.10 8.71
C ILE C 67 -20.06 23.04 7.54
N GLU C 68 -18.78 23.03 7.84
CA GLU C 68 -17.75 22.97 6.83
C GLU C 68 -16.52 22.38 7.46
N PRO C 69 -15.64 21.83 6.64
CA PRO C 69 -14.39 21.23 7.15
C PRO C 69 -13.60 22.18 8.08
N SER C 70 -13.55 23.46 7.73
CA SER C 70 -12.81 24.41 8.54
C SER C 70 -13.53 24.80 9.83
N ARG C 71 -14.76 24.36 10.01
CA ARG C 71 -15.51 24.75 11.20
C ARG C 71 -15.90 23.63 12.15
N ASN C 72 -15.88 22.40 11.65
CA ASN C 72 -16.35 21.29 12.46
C ASN C 72 -15.54 20.94 13.71
N ARG C 73 -14.23 21.22 13.72
CA ARG C 73 -13.48 20.87 14.91
C ARG C 73 -13.94 21.78 16.04
N ASP C 74 -14.15 23.07 15.74
CA ASP C 74 -14.63 23.97 16.80
C ASP C 74 -16.06 23.58 17.22
N HIS C 75 -16.88 23.12 16.27
CA HIS C 75 -18.23 22.69 16.64
C HIS C 75 -18.07 21.50 17.58
N SER C 76 -17.17 20.59 17.23
CA SER C 76 -16.98 19.39 18.03
C SER C 76 -16.58 19.70 19.46
N ALA C 77 -15.59 20.57 19.65
CA ALA C 77 -15.18 20.87 21.00
C ALA C 77 -16.35 21.39 21.82
N LYS C 78 -17.13 22.29 21.25
CA LYS C 78 -18.27 22.85 21.95
C LYS C 78 -19.35 21.81 22.23
N LEU C 79 -19.68 20.98 21.24
CA LEU C 79 -20.74 20.00 21.45
C LEU C 79 -20.34 18.90 22.41
N PHE C 80 -19.10 18.45 22.31
CA PHE C 80 -18.65 17.38 23.21
C PHE C 80 -18.57 17.90 24.64
N ASP C 81 -18.14 19.14 24.84
CA ASP C 81 -18.09 19.68 26.19
C ASP C 81 -19.49 19.67 26.79
N HIS C 82 -20.46 20.16 26.02
CA HIS C 82 -21.86 20.26 26.39
C HIS C 82 -22.49 18.91 26.72
N LEU C 83 -22.25 17.94 25.84
CA LEU C 83 -22.81 16.61 26.07
C LEU C 83 -22.18 15.90 27.27
N ASN C 84 -20.88 16.08 27.45
CA ASN C 84 -20.22 15.44 28.57
C ASN C 84 -20.72 16.04 29.88
N THR C 85 -20.96 17.35 29.88
CA THR C 85 -21.46 18.03 31.06
C THR C 85 -22.89 17.62 31.38
N LYS C 86 -23.75 17.74 30.37
CA LYS C 86 -25.17 17.43 30.53
C LYS C 86 -25.47 15.96 30.74
N LEU C 87 -24.84 15.09 29.95
CA LEU C 87 -25.12 13.66 30.02
C LEU C 87 -24.13 12.82 30.80
N GLY C 88 -22.95 13.37 31.10
CA GLY C 88 -21.94 12.65 31.85
C GLY C 88 -21.22 11.57 31.08
N ILE C 89 -21.40 11.60 29.75
CA ILE C 89 -20.80 10.60 28.85
C ILE C 89 -19.39 10.97 28.46
N PRO C 90 -18.44 10.04 28.60
CA PRO C 90 -17.06 10.33 28.23
C PRO C 90 -16.94 10.79 26.77
N LYS C 91 -16.08 11.77 26.53
CA LYS C 91 -15.92 12.28 25.17
C LYS C 91 -15.38 11.28 24.18
N ASN C 92 -14.62 10.29 24.65
CA ASN C 92 -14.08 9.30 23.74
C ASN C 92 -15.06 8.17 23.46
N ARG C 93 -16.30 8.34 23.95
CA ARG C 93 -17.38 7.37 23.73
C ARG C 93 -18.57 8.02 23.00
N MET C 94 -18.27 9.03 22.18
CA MET C 94 -19.30 9.71 21.40
C MET C 94 -18.77 10.06 20.02
N TYR C 95 -19.67 10.00 19.04
CA TYR C 95 -19.37 10.36 17.68
C TYR C 95 -20.45 11.32 17.23
N ILE C 96 -20.03 12.29 16.43
CA ILE C 96 -20.97 13.24 15.83
C ILE C 96 -20.63 13.39 14.36
N HIS C 97 -21.59 13.10 13.49
CA HIS C 97 -21.42 13.26 12.05
C HIS C 97 -21.97 14.64 11.65
N PHE C 98 -21.11 15.48 11.08
CA PHE C 98 -21.46 16.82 10.67
C PHE C 98 -21.88 16.80 9.20
N VAL C 99 -23.08 17.28 8.91
CA VAL C 99 -23.55 17.23 7.53
C VAL C 99 -24.07 18.58 7.04
N ASN C 100 -23.47 19.14 6.00
CA ASN C 100 -24.00 20.40 5.48
C ASN C 100 -25.03 20.06 4.41
N LEU C 101 -26.23 20.60 4.58
CA LEU C 101 -27.36 20.35 3.68
C LEU C 101 -27.56 21.41 2.61
N ASN C 102 -28.09 20.97 1.47
CA ASN C 102 -28.39 21.87 0.38
C ASN C 102 -29.88 22.15 0.59
N GLY C 103 -30.28 23.40 0.47
CA GLY C 103 -31.68 23.74 0.65
C GLY C 103 -32.58 23.02 -0.34
N ASP C 104 -32.05 22.66 -1.51
CA ASP C 104 -32.81 21.96 -2.55
C ASP C 104 -33.26 20.56 -2.11
N ASP C 105 -32.57 19.98 -1.15
CA ASP C 105 -32.96 18.67 -0.67
C ASP C 105 -33.42 18.65 0.77
N VAL C 106 -34.03 19.75 1.20
CA VAL C 106 -34.58 19.87 2.55
C VAL C 106 -36.01 20.39 2.47
N GLY C 107 -36.94 19.56 2.95
CA GLY C 107 -38.34 19.93 2.93
C GLY C 107 -38.79 20.54 4.24
N TRP C 108 -39.53 21.64 4.13
CA TRP C 108 -40.07 22.34 5.29
C TRP C 108 -41.30 23.09 4.82
N ASN C 109 -42.30 23.20 5.69
CA ASN C 109 -43.53 23.87 5.33
C ASN C 109 -44.27 23.05 4.27
N GLY C 110 -43.83 23.15 3.02
CA GLY C 110 -44.49 22.40 1.96
C GLY C 110 -43.65 22.36 0.70
N THR C 111 -42.49 23.00 0.77
CA THR C 111 -41.57 23.06 -0.36
C THR C 111 -40.18 22.88 0.24
N THR C 112 -39.15 23.29 -0.50
CA THR C 112 -37.78 23.20 -0.03
C THR C 112 -37.24 24.61 0.29
N PHE C 113 -35.93 24.72 0.42
CA PHE C 113 -35.30 26.00 0.71
C PHE C 113 -34.54 26.55 -0.50
N PRO D 1 37.88 -19.22 -19.89
CA PRO D 1 36.82 -19.01 -18.88
C PRO D 1 37.25 -18.02 -17.81
N ILE D 2 36.29 -17.56 -17.03
CA ILE D 2 36.59 -16.61 -15.97
C ILE D 2 35.89 -17.01 -14.69
N PHE D 3 36.64 -17.03 -13.60
CA PHE D 3 36.05 -17.33 -12.31
C PHE D 3 36.43 -16.13 -11.47
N THR D 4 35.44 -15.38 -11.02
CA THR D 4 35.70 -14.21 -10.20
C THR D 4 34.95 -14.42 -8.90
N LEU D 5 35.63 -14.17 -7.79
CA LEU D 5 35.02 -14.37 -6.49
C LEU D 5 35.20 -13.18 -5.55
N ASN D 6 34.14 -12.88 -4.80
CA ASN D 6 34.15 -11.78 -3.84
C ASN D 6 33.93 -12.40 -2.47
N THR D 7 34.78 -12.05 -1.51
CA THR D 7 34.68 -12.61 -0.16
C THR D 7 35.09 -11.63 0.94
N ASN D 8 34.53 -11.85 2.14
CA ASN D 8 34.86 -11.02 3.29
C ASN D 8 36.09 -11.49 4.08
N ILE D 9 36.70 -12.60 3.64
CA ILE D 9 37.89 -13.05 4.36
C ILE D 9 39.07 -12.20 3.93
N LYS D 10 40.05 -12.06 4.83
CA LYS D 10 41.23 -11.26 4.58
C LYS D 10 42.15 -11.91 3.56
N ALA D 11 42.87 -11.09 2.81
CA ALA D 11 43.80 -11.57 1.81
C ALA D 11 44.88 -12.44 2.43
N THR D 12 45.29 -12.10 3.66
CA THR D 12 46.33 -12.84 4.34
C THR D 12 45.87 -14.22 4.78
N ASP D 13 44.58 -14.48 4.65
CA ASP D 13 44.03 -15.78 5.04
C ASP D 13 43.86 -16.71 3.85
N VAL D 14 44.23 -16.23 2.67
CA VAL D 14 44.11 -17.02 1.43
C VAL D 14 45.41 -17.72 1.08
N PRO D 15 45.37 -19.05 0.92
CA PRO D 15 46.59 -19.79 0.57
C PRO D 15 47.24 -19.22 -0.67
N SER D 16 48.57 -19.25 -0.72
CA SER D 16 49.30 -18.72 -1.86
C SER D 16 49.12 -19.57 -3.13
N ASP D 17 48.48 -20.72 -3.00
CA ASP D 17 48.25 -21.59 -4.14
C ASP D 17 46.77 -21.67 -4.52
N PHE D 18 45.99 -20.70 -4.03
CA PHE D 18 44.56 -20.64 -4.34
C PHE D 18 44.32 -20.41 -5.84
N LEU D 19 45.04 -19.45 -6.41
CA LEU D 19 44.87 -19.11 -7.83
C LEU D 19 45.26 -20.26 -8.75
N SER D 20 46.47 -20.78 -8.57
CA SER D 20 46.93 -21.88 -9.40
C SER D 20 46.03 -23.11 -9.30
N SER D 21 45.68 -23.51 -8.09
CA SER D 21 44.81 -24.67 -7.90
C SER D 21 43.42 -24.44 -8.48
N THR D 22 42.88 -23.24 -8.28
CA THR D 22 41.55 -22.93 -8.80
C THR D 22 41.53 -22.90 -10.34
N SER D 23 42.54 -22.27 -10.95
CA SER D 23 42.66 -22.21 -12.41
C SER D 23 42.61 -23.62 -12.98
N ALA D 24 43.52 -24.47 -12.50
CA ALA D 24 43.59 -25.84 -12.96
C ALA D 24 42.26 -26.58 -12.79
N LEU D 25 41.55 -26.32 -11.70
CA LEU D 25 40.28 -27.00 -11.47
C LEU D 25 39.25 -26.54 -12.50
N VAL D 26 39.23 -25.25 -12.76
CA VAL D 26 38.29 -24.66 -13.72
C VAL D 26 38.53 -25.20 -15.13
N GLY D 27 39.80 -25.19 -15.54
CA GLY D 27 40.13 -25.70 -16.86
C GLY D 27 39.68 -27.16 -17.03
N ASN D 28 39.84 -27.94 -15.97
CA ASN D 28 39.48 -29.36 -16.00
C ASN D 28 37.98 -29.66 -16.02
N ILE D 29 37.21 -28.98 -15.18
CA ILE D 29 35.78 -29.24 -15.15
C ILE D 29 35.08 -28.76 -16.42
N LEU D 30 35.73 -27.83 -17.13
CA LEU D 30 35.17 -27.26 -18.35
C LEU D 30 35.93 -27.72 -19.60
N SER D 31 36.96 -28.54 -19.40
CA SER D 31 37.76 -29.05 -20.51
C SER D 31 38.31 -27.89 -21.34
N LYS D 32 38.87 -26.90 -20.66
CA LYS D 32 39.43 -25.73 -21.33
C LYS D 32 40.91 -25.63 -21.02
N PRO D 33 41.72 -25.29 -22.03
CA PRO D 33 43.16 -25.17 -21.77
C PRO D 33 43.38 -24.13 -20.70
N GLY D 34 44.28 -24.42 -19.76
CA GLY D 34 44.56 -23.49 -18.69
C GLY D 34 44.94 -22.11 -19.21
N SER D 35 45.40 -22.04 -20.46
CA SER D 35 45.77 -20.75 -21.04
C SER D 35 44.59 -19.78 -21.14
N TYR D 36 43.38 -20.32 -21.35
CA TYR D 36 42.19 -19.49 -21.45
C TYR D 36 41.50 -19.24 -20.10
N VAL D 37 42.03 -19.82 -19.04
CA VAL D 37 41.45 -19.67 -17.71
C VAL D 37 41.94 -18.45 -16.91
N ALA D 38 40.99 -17.65 -16.45
CA ALA D 38 41.29 -16.48 -15.62
C ALA D 38 40.58 -16.68 -14.29
N VAL D 39 41.28 -16.37 -13.20
CA VAL D 39 40.74 -16.50 -11.87
C VAL D 39 41.01 -15.20 -11.13
N HIS D 40 40.02 -14.74 -10.37
CA HIS D 40 40.17 -13.50 -9.63
C HIS D 40 39.44 -13.60 -8.31
N ILE D 41 40.09 -13.17 -7.24
CA ILE D 41 39.45 -13.19 -5.94
C ILE D 41 39.58 -11.79 -5.36
N ASN D 42 38.45 -11.26 -4.90
CA ASN D 42 38.34 -9.92 -4.32
C ASN D 42 38.09 -10.15 -2.83
N THR D 43 39.12 -9.92 -2.03
CA THR D 43 39.05 -10.15 -0.58
C THR D 43 38.88 -8.88 0.22
N ASP D 44 38.85 -9.02 1.54
CA ASP D 44 38.72 -7.88 2.46
C ASP D 44 37.51 -7.03 2.13
N GLN D 45 36.49 -7.67 1.58
CA GLN D 45 35.28 -6.98 1.19
C GLN D 45 34.22 -6.94 2.27
N GLN D 46 33.46 -5.86 2.27
CA GLN D 46 32.36 -5.71 3.18
C GLN D 46 31.26 -6.53 2.54
N LEU D 47 31.00 -7.69 3.11
CA LEU D 47 30.00 -8.62 2.59
C LEU D 47 29.30 -9.36 3.70
N SER D 48 27.99 -9.53 3.57
CA SER D 48 27.24 -10.26 4.56
C SER D 48 26.43 -11.33 3.83
N PHE D 49 26.20 -12.43 4.51
CA PHE D 49 25.42 -13.53 3.98
C PHE D 49 24.56 -14.01 5.13
N GLY D 50 23.27 -14.18 4.88
CA GLY D 50 22.36 -14.63 5.91
C GLY D 50 22.20 -13.62 7.03
N GLY D 51 22.65 -12.38 6.79
CA GLY D 51 22.54 -11.34 7.80
C GLY D 51 23.75 -11.30 8.72
N SER D 52 24.74 -12.13 8.40
CA SER D 52 25.95 -12.23 9.18
C SER D 52 27.19 -11.93 8.34
N THR D 53 28.20 -11.36 8.97
CA THR D 53 29.44 -11.04 8.31
C THR D 53 30.47 -12.14 8.48
N ASN D 54 30.02 -13.31 8.91
CA ASN D 54 30.92 -14.44 9.07
C ASN D 54 31.40 -14.83 7.68
N PRO D 55 32.59 -15.45 7.57
CA PRO D 55 33.17 -15.88 6.30
C PRO D 55 32.17 -16.34 5.27
N ALA D 56 32.18 -15.68 4.11
CA ALA D 56 31.28 -16.01 3.03
C ALA D 56 31.86 -15.50 1.73
N ALA D 57 31.18 -15.81 0.63
CA ALA D 57 31.63 -15.37 -0.68
C ALA D 57 30.59 -15.63 -1.75
N PHE D 58 30.73 -14.94 -2.88
CA PHE D 58 29.83 -15.15 -4.00
C PHE D 58 30.66 -14.88 -5.23
N GLY D 59 30.35 -15.58 -6.31
CA GLY D 59 31.13 -15.35 -7.49
C GLY D 59 30.45 -15.83 -8.74
N THR D 60 31.19 -15.69 -9.83
CA THR D 60 30.68 -16.06 -11.13
C THR D 60 31.68 -16.91 -11.90
N LEU D 61 31.16 -17.93 -12.56
CA LEU D 61 31.94 -18.81 -13.42
C LEU D 61 31.43 -18.51 -14.82
N MET D 62 32.24 -17.83 -15.62
CA MET D 62 31.85 -17.49 -16.99
C MET D 62 32.61 -18.37 -17.96
N SER D 63 31.90 -19.01 -18.89
CA SER D 63 32.57 -19.83 -19.88
C SER D 63 31.79 -19.92 -21.19
N ILE D 64 32.50 -20.05 -22.30
CA ILE D 64 31.86 -20.22 -23.61
C ILE D 64 31.69 -21.72 -23.77
N GLY D 65 30.53 -22.26 -23.39
CA GLY D 65 30.32 -23.71 -23.51
C GLY D 65 30.65 -24.50 -22.24
N GLY D 66 29.99 -25.64 -22.06
CA GLY D 66 30.24 -26.47 -20.89
C GLY D 66 29.31 -26.16 -19.73
N ILE D 67 28.64 -25.02 -19.82
CA ILE D 67 27.71 -24.58 -18.79
C ILE D 67 26.28 -24.75 -19.27
N GLU D 68 25.50 -25.54 -18.53
CA GLU D 68 24.12 -25.83 -18.89
C GLU D 68 23.41 -26.43 -17.69
N PRO D 69 22.07 -26.32 -17.64
CA PRO D 69 21.27 -26.88 -16.55
C PRO D 69 21.63 -28.32 -16.16
N SER D 70 21.94 -29.14 -17.15
CA SER D 70 22.26 -30.53 -16.87
C SER D 70 23.72 -30.74 -16.50
N ARG D 71 24.52 -29.66 -16.47
CA ARG D 71 25.93 -29.78 -16.14
C ARG D 71 26.41 -29.01 -14.90
N ASN D 72 25.66 -28.00 -14.49
CA ASN D 72 26.07 -27.18 -13.35
C ASN D 72 26.06 -27.82 -11.97
N ARG D 73 25.20 -28.81 -11.74
CA ARG D 73 25.15 -29.43 -10.43
C ARG D 73 26.48 -30.07 -10.06
N ASP D 74 27.24 -30.54 -11.06
CA ASP D 74 28.55 -31.13 -10.77
C ASP D 74 29.58 -30.00 -10.74
N HIS D 75 29.33 -28.94 -11.48
CA HIS D 75 30.26 -27.81 -11.46
C HIS D 75 30.23 -27.20 -10.05
N SER D 76 29.04 -27.15 -9.46
CA SER D 76 28.92 -26.58 -8.12
C SER D 76 29.54 -27.52 -7.09
N ALA D 77 29.22 -28.81 -7.19
CA ALA D 77 29.76 -29.79 -6.25
C ALA D 77 31.28 -29.68 -6.17
N LYS D 78 31.93 -29.67 -7.32
CA LYS D 78 33.39 -29.58 -7.37
C LYS D 78 33.96 -28.22 -6.99
N LEU D 79 33.26 -27.14 -7.34
CA LEU D 79 33.75 -25.82 -6.99
C LEU D 79 33.60 -25.55 -5.50
N PHE D 80 32.45 -25.90 -4.94
CA PHE D 80 32.22 -25.68 -3.51
C PHE D 80 33.22 -26.50 -2.67
N ASP D 81 33.40 -27.76 -3.04
CA ASP D 81 34.34 -28.63 -2.32
C ASP D 81 35.72 -27.93 -2.27
N HIS D 82 36.17 -27.42 -3.42
CA HIS D 82 37.46 -26.72 -3.52
C HIS D 82 37.55 -25.48 -2.63
N LEU D 83 36.63 -24.56 -2.82
CA LEU D 83 36.62 -23.33 -2.05
C LEU D 83 36.49 -23.60 -0.55
N ASN D 84 35.57 -24.49 -0.18
CA ASN D 84 35.34 -24.85 1.22
C ASN D 84 36.60 -25.35 1.90
N THR D 85 37.40 -26.16 1.21
CA THR D 85 38.62 -26.68 1.82
C THR D 85 39.78 -25.69 1.68
N LYS D 86 39.74 -24.87 0.64
CA LYS D 86 40.80 -23.89 0.39
C LYS D 86 40.69 -22.60 1.22
N LEU D 87 39.46 -22.20 1.52
CA LEU D 87 39.21 -20.97 2.27
C LEU D 87 38.46 -21.24 3.57
N GLY D 88 38.06 -22.48 3.78
CA GLY D 88 37.33 -22.82 4.99
C GLY D 88 35.92 -22.23 5.08
N ILE D 89 35.46 -21.59 4.02
CA ILE D 89 34.12 -21.00 4.02
C ILE D 89 33.04 -22.08 3.90
N PRO D 90 32.03 -22.04 4.78
CA PRO D 90 30.96 -23.02 4.69
C PRO D 90 30.30 -23.00 3.31
N LYS D 91 29.95 -24.18 2.81
CA LYS D 91 29.34 -24.30 1.50
C LYS D 91 27.94 -23.69 1.50
N ASN D 92 27.35 -23.54 2.68
CA ASN D 92 26.02 -22.96 2.80
C ASN D 92 26.10 -21.43 2.85
N ARG D 93 27.33 -20.91 2.80
CA ARG D 93 27.55 -19.47 2.81
C ARG D 93 28.26 -19.00 1.55
N MET D 94 27.93 -19.64 0.42
CA MET D 94 28.52 -19.27 -0.87
C MET D 94 27.56 -19.43 -2.01
N TYR D 95 27.65 -18.51 -2.95
CA TYR D 95 26.81 -18.54 -4.14
C TYR D 95 27.72 -18.48 -5.35
N ILE D 96 27.37 -19.22 -6.39
CA ILE D 96 28.13 -19.19 -7.63
C ILE D 96 27.13 -19.02 -8.74
N HIS D 97 27.35 -18.00 -9.55
CA HIS D 97 26.49 -17.69 -10.68
C HIS D 97 27.16 -18.30 -11.90
N PHE D 98 26.49 -19.25 -12.54
CA PHE D 98 27.06 -19.89 -13.73
C PHE D 98 26.55 -19.20 -14.98
N VAL D 99 27.48 -18.55 -15.68
CA VAL D 99 27.14 -17.82 -16.91
C VAL D 99 27.74 -18.49 -18.15
N ASN D 100 26.88 -18.98 -19.03
CA ASN D 100 27.35 -19.59 -20.26
C ASN D 100 27.23 -18.54 -21.36
N LEU D 101 28.26 -18.45 -22.20
CA LEU D 101 28.25 -17.46 -23.25
C LEU D 101 28.62 -18.01 -24.60
N ASN D 102 28.31 -17.26 -25.64
CA ASN D 102 28.70 -17.65 -26.98
C ASN D 102 29.86 -16.68 -27.29
N GLY D 103 30.68 -16.98 -28.26
CA GLY D 103 31.82 -16.12 -28.54
C GLY D 103 31.56 -14.71 -28.99
N ASP D 104 30.36 -14.44 -29.48
CA ASP D 104 30.03 -13.11 -29.98
C ASP D 104 30.11 -12.02 -28.93
N ASP D 105 29.99 -12.39 -27.67
CA ASP D 105 30.01 -11.38 -26.60
C ASP D 105 31.25 -11.32 -25.75
N VAL D 106 32.32 -11.95 -26.21
CA VAL D 106 33.57 -11.94 -25.47
C VAL D 106 34.67 -11.38 -26.33
N GLY D 107 35.29 -10.29 -25.87
CA GLY D 107 36.39 -9.70 -26.60
C GLY D 107 37.68 -10.26 -26.00
N TRP D 108 38.68 -10.45 -26.86
CA TRP D 108 40.00 -10.96 -26.48
C TRP D 108 40.90 -10.61 -27.67
N ASN D 109 42.16 -10.26 -27.42
CA ASN D 109 43.03 -9.93 -28.55
C ASN D 109 42.48 -8.83 -29.50
N GLY D 110 41.50 -8.06 -29.05
CA GLY D 110 40.95 -7.01 -29.90
C GLY D 110 39.93 -7.49 -30.93
N THR D 111 39.49 -8.73 -30.78
CA THR D 111 38.48 -9.31 -31.66
C THR D 111 37.50 -10.03 -30.74
N THR D 112 36.67 -10.92 -31.28
CA THR D 112 35.74 -11.68 -30.45
C THR D 112 35.84 -13.15 -30.88
N PHE D 113 35.33 -14.04 -30.03
CA PHE D 113 35.33 -15.45 -30.36
C PHE D 113 34.12 -15.69 -31.25
N PRO E 1 19.18 -14.33 -2.87
CA PRO E 1 19.46 -13.11 -3.65
C PRO E 1 20.83 -12.53 -3.35
N ILE E 2 21.33 -11.74 -4.28
CA ILE E 2 22.62 -11.10 -4.09
C ILE E 2 22.48 -9.64 -4.52
N PHE E 3 23.00 -8.74 -3.69
CA PHE E 3 22.99 -7.33 -4.02
C PHE E 3 24.45 -6.90 -3.91
N THR E 4 24.99 -6.37 -4.99
CA THR E 4 26.38 -5.99 -5.01
C THR E 4 26.47 -4.56 -5.52
N LEU E 5 27.24 -3.70 -4.85
CA LEU E 5 27.32 -2.29 -5.26
C LEU E 5 28.78 -1.83 -5.28
N ASN E 6 29.12 -1.06 -6.31
CA ASN E 6 30.46 -0.51 -6.48
C ASN E 6 30.32 1.00 -6.38
N THR E 7 31.15 1.64 -5.56
CA THR E 7 31.00 3.09 -5.39
C THR E 7 32.31 3.81 -5.15
N ASN E 8 32.32 5.10 -5.50
CA ASN E 8 33.50 5.92 -5.28
C ASN E 8 33.50 6.61 -3.92
N ILE E 9 32.45 6.45 -3.14
CA ILE E 9 32.44 7.07 -1.82
C ILE E 9 33.33 6.23 -0.92
N LYS E 10 33.80 6.83 0.17
CA LYS E 10 34.70 6.16 1.09
C LYS E 10 34.02 5.25 2.09
N ALA E 11 34.71 4.17 2.44
CA ALA E 11 34.22 3.21 3.41
C ALA E 11 33.96 3.92 4.74
N THR E 12 34.76 4.95 5.04
CA THR E 12 34.58 5.67 6.29
C THR E 12 33.27 6.44 6.35
N ASP E 13 32.64 6.60 5.19
CA ASP E 13 31.38 7.31 5.11
C ASP E 13 30.17 6.42 4.87
N VAL E 14 30.35 5.11 5.00
CA VAL E 14 29.26 4.15 4.85
C VAL E 14 28.89 3.83 6.30
N PRO E 15 27.61 3.99 6.68
CA PRO E 15 27.14 3.71 8.04
C PRO E 15 27.29 2.24 8.44
N SER E 16 27.49 1.98 9.73
CA SER E 16 27.70 0.64 10.23
C SER E 16 26.52 -0.32 10.06
N ASP E 17 25.32 0.21 9.86
CA ASP E 17 24.14 -0.62 9.68
C ASP E 17 23.82 -0.81 8.20
N PHE E 18 24.74 -0.46 7.32
CA PHE E 18 24.46 -0.61 5.89
C PHE E 18 24.21 -2.05 5.45
N LEU E 19 25.12 -2.96 5.79
CA LEU E 19 24.95 -4.34 5.39
C LEU E 19 23.67 -4.93 5.96
N SER E 20 23.51 -4.79 7.27
CA SER E 20 22.34 -5.34 7.93
C SER E 20 21.02 -4.77 7.43
N SER E 21 20.92 -3.46 7.29
CA SER E 21 19.66 -2.87 6.82
C SER E 21 19.42 -3.17 5.33
N THR E 22 20.48 -3.31 4.56
CA THR E 22 20.30 -3.60 3.14
C THR E 22 19.87 -5.04 3.02
N SER E 23 20.53 -5.91 3.78
CA SER E 23 20.22 -7.33 3.76
C SER E 23 18.73 -7.53 4.06
N ALA E 24 18.23 -6.88 5.11
CA ALA E 24 16.82 -6.98 5.47
C ALA E 24 15.89 -6.45 4.39
N LEU E 25 16.27 -5.34 3.77
CA LEU E 25 15.43 -4.76 2.74
C LEU E 25 15.33 -5.68 1.52
N VAL E 26 16.47 -6.13 1.04
CA VAL E 26 16.49 -7.00 -0.13
C VAL E 26 15.60 -8.23 0.11
N GLY E 27 15.69 -8.80 1.30
CA GLY E 27 14.86 -9.95 1.60
C GLY E 27 13.39 -9.58 1.55
N ASN E 28 13.06 -8.41 2.09
CA ASN E 28 11.68 -7.96 2.12
C ASN E 28 11.09 -7.70 0.73
N ILE E 29 11.81 -6.97 -0.11
CA ILE E 29 11.31 -6.67 -1.45
C ILE E 29 11.21 -7.89 -2.36
N LEU E 30 12.04 -8.90 -2.12
CA LEU E 30 12.01 -10.11 -2.93
C LEU E 30 11.22 -11.25 -2.29
N SER E 31 10.66 -11.00 -1.11
CA SER E 31 9.92 -12.03 -0.40
C SER E 31 10.76 -13.30 -0.29
N LYS E 32 12.00 -13.13 0.13
CA LYS E 32 12.92 -14.24 0.30
C LYS E 32 13.47 -14.20 1.71
N PRO E 33 13.73 -15.36 2.31
CA PRO E 33 14.26 -15.43 3.67
C PRO E 33 15.67 -14.84 3.78
N GLY E 34 15.91 -14.07 4.83
CA GLY E 34 17.20 -13.44 5.01
C GLY E 34 18.37 -14.41 4.97
N SER E 35 18.11 -15.68 5.25
CA SER E 35 19.16 -16.70 5.24
C SER E 35 19.80 -16.86 3.86
N TYR E 36 19.08 -16.45 2.83
CA TYR E 36 19.58 -16.56 1.47
C TYR E 36 20.11 -15.25 0.88
N VAL E 37 20.02 -14.18 1.65
CA VAL E 37 20.45 -12.85 1.19
C VAL E 37 21.94 -12.55 1.38
N ALA E 38 22.58 -12.15 0.29
CA ALA E 38 23.99 -11.78 0.31
C ALA E 38 24.06 -10.34 -0.14
N VAL E 39 24.79 -9.54 0.61
CA VAL E 39 24.95 -8.13 0.33
C VAL E 39 26.42 -7.81 0.28
N HIS E 40 26.82 -7.03 -0.69
CA HIS E 40 28.22 -6.69 -0.85
C HIS E 40 28.39 -5.26 -1.32
N ILE E 41 29.29 -4.51 -0.69
CA ILE E 41 29.57 -3.16 -1.16
C ILE E 41 31.07 -2.99 -1.29
N ASN E 42 31.47 -2.51 -2.47
CA ASN E 42 32.86 -2.28 -2.81
C ASN E 42 33.05 -0.76 -2.88
N THR E 43 33.80 -0.21 -1.93
CA THR E 43 34.00 1.24 -1.85
C THR E 43 35.40 1.73 -2.25
N ASP E 44 35.59 3.05 -2.15
CA ASP E 44 36.88 3.68 -2.45
C ASP E 44 37.36 3.31 -3.84
N GLN E 45 36.41 3.19 -4.77
CA GLN E 45 36.73 2.82 -6.14
C GLN E 45 36.88 3.99 -7.09
N GLN E 46 37.73 3.81 -8.10
CA GLN E 46 37.87 4.84 -9.11
C GLN E 46 36.64 4.64 -9.93
N LEU E 47 35.75 5.62 -9.90
CA LEU E 47 34.49 5.53 -10.61
C LEU E 47 34.01 6.89 -11.08
N SER E 48 33.67 6.97 -12.34
CA SER E 48 33.18 8.18 -12.93
C SER E 48 31.77 7.93 -13.46
N PHE E 49 30.88 8.90 -13.26
CA PHE E 49 29.51 8.77 -13.74
C PHE E 49 29.17 10.08 -14.41
N GLY E 50 28.87 10.03 -15.71
CA GLY E 50 28.54 11.25 -16.42
C GLY E 50 29.76 12.14 -16.60
N GLY E 51 30.95 11.53 -16.62
CA GLY E 51 32.18 12.27 -16.81
C GLY E 51 32.64 13.07 -15.61
N SER E 52 32.12 12.71 -14.44
CA SER E 52 32.43 13.36 -13.18
C SER E 52 32.68 12.32 -12.10
N THR E 53 33.67 12.56 -11.24
CA THR E 53 33.97 11.62 -10.16
C THR E 53 33.27 11.95 -8.85
N ASN E 54 32.25 12.79 -8.91
CA ASN E 54 31.45 13.12 -7.74
C ASN E 54 30.73 11.82 -7.38
N PRO E 55 30.32 11.66 -6.11
CA PRO E 55 29.61 10.48 -5.60
C PRO E 55 28.65 9.81 -6.58
N ALA E 56 28.90 8.53 -6.86
CA ALA E 56 28.09 7.73 -7.77
C ALA E 56 28.28 6.27 -7.44
N ALA E 57 27.45 5.40 -8.01
CA ALA E 57 27.58 3.95 -7.73
C ALA E 57 26.82 3.16 -8.78
N PHE E 58 27.16 1.88 -8.91
CA PHE E 58 26.39 1.04 -9.82
C PHE E 58 26.51 -0.36 -9.24
N GLY E 59 25.48 -1.17 -9.45
CA GLY E 59 25.54 -2.49 -8.89
C GLY E 59 24.52 -3.38 -9.52
N THR E 60 24.29 -4.53 -8.89
CA THR E 60 23.36 -5.51 -9.43
C THR E 60 22.57 -6.18 -8.33
N LEU E 61 21.32 -6.48 -8.61
CA LEU E 61 20.51 -7.22 -7.65
C LEU E 61 20.07 -8.44 -8.46
N MET E 62 20.47 -9.62 -8.04
CA MET E 62 20.07 -10.84 -8.74
C MET E 62 19.28 -11.73 -7.81
N SER E 63 18.29 -12.43 -8.36
CA SER E 63 17.45 -13.28 -7.53
C SER E 63 16.81 -14.38 -8.34
N ILE E 64 16.69 -15.57 -7.75
CA ILE E 64 16.03 -16.68 -8.43
C ILE E 64 14.57 -16.39 -8.15
N GLY E 65 13.97 -15.61 -9.04
CA GLY E 65 12.59 -15.22 -8.88
C GLY E 65 12.37 -13.85 -8.25
N GLY E 66 11.24 -13.24 -8.57
CA GLY E 66 10.93 -11.94 -8.00
C GLY E 66 11.34 -10.76 -8.86
N ILE E 67 12.17 -11.01 -9.85
CA ILE E 67 12.63 -9.94 -10.73
C ILE E 67 12.05 -10.09 -12.14
N GLU E 68 11.45 -9.02 -12.63
CA GLU E 68 10.86 -8.99 -13.96
C GLU E 68 10.39 -7.56 -14.21
N PRO E 69 10.25 -7.14 -15.48
CA PRO E 69 9.82 -5.78 -15.78
C PRO E 69 8.71 -5.20 -14.90
N SER E 70 7.62 -5.94 -14.71
CA SER E 70 6.49 -5.46 -13.93
C SER E 70 6.76 -5.28 -12.43
N ARG E 71 7.93 -5.71 -11.96
CA ARG E 71 8.24 -5.58 -10.54
C ARG E 71 9.43 -4.66 -10.28
N ASN E 72 10.26 -4.47 -11.29
CA ASN E 72 11.47 -3.66 -11.12
C ASN E 72 11.34 -2.19 -10.76
N ARG E 73 10.28 -1.51 -11.19
CA ARG E 73 10.13 -0.11 -10.84
C ARG E 73 9.94 0.04 -9.34
N ASP E 74 9.17 -0.86 -8.75
CA ASP E 74 8.95 -0.79 -7.31
C ASP E 74 10.23 -1.22 -6.56
N HIS E 75 10.97 -2.19 -7.10
CA HIS E 75 12.21 -2.61 -6.46
C HIS E 75 13.14 -1.42 -6.48
N SER E 76 13.18 -0.73 -7.62
CA SER E 76 14.08 0.42 -7.79
C SER E 76 13.75 1.56 -6.86
N ALA E 77 12.46 1.85 -6.72
CA ALA E 77 12.04 2.94 -5.85
C ALA E 77 12.51 2.69 -4.42
N LYS E 78 12.28 1.48 -3.92
CA LYS E 78 12.66 1.14 -2.56
C LYS E 78 14.17 1.09 -2.39
N LEU E 79 14.84 0.45 -3.33
CA LEU E 79 16.29 0.34 -3.24
C LEU E 79 16.99 1.69 -3.35
N PHE E 80 16.56 2.54 -4.28
CA PHE E 80 17.21 3.83 -4.43
C PHE E 80 16.95 4.70 -3.23
N ASP E 81 15.73 4.62 -2.70
CA ASP E 81 15.37 5.39 -1.52
C ASP E 81 16.34 5.04 -0.38
N HIS E 82 16.54 3.74 -0.20
CA HIS E 82 17.42 3.22 0.81
C HIS E 82 18.90 3.60 0.61
N LEU E 83 19.40 3.40 -0.60
CA LEU E 83 20.79 3.74 -0.87
C LEU E 83 21.08 5.22 -0.70
N ASN E 84 20.15 6.07 -1.13
CA ASN E 84 20.32 7.52 -1.04
C ASN E 84 20.35 7.90 0.44
N THR E 85 19.44 7.33 1.22
CA THR E 85 19.39 7.62 2.65
C THR E 85 20.64 7.17 3.40
N LYS E 86 21.12 5.96 3.13
CA LYS E 86 22.27 5.45 3.85
C LYS E 86 23.61 5.99 3.36
N LEU E 87 23.71 6.22 2.05
CA LEU E 87 24.97 6.68 1.45
C LEU E 87 25.09 8.13 1.02
N GLY E 88 23.95 8.81 0.87
CA GLY E 88 24.00 10.21 0.44
C GLY E 88 24.24 10.42 -1.03
N ILE E 89 24.24 9.33 -1.81
CA ILE E 89 24.47 9.45 -3.25
C ILE E 89 23.19 9.82 -3.98
N PRO E 90 23.26 10.80 -4.89
CA PRO E 90 22.11 11.25 -5.68
C PRO E 90 21.49 10.07 -6.41
N LYS E 91 20.15 9.98 -6.40
CA LYS E 91 19.49 8.86 -7.07
C LYS E 91 19.78 8.84 -8.57
N ASN E 92 20.13 9.99 -9.14
CA ASN E 92 20.40 10.06 -10.57
C ASN E 92 21.85 9.75 -10.91
N ARG E 93 22.61 9.32 -9.91
CA ARG E 93 23.99 8.94 -10.13
C ARG E 93 24.24 7.50 -9.69
N MET E 94 23.20 6.68 -9.78
CA MET E 94 23.35 5.27 -9.44
C MET E 94 22.59 4.42 -10.47
N TYR E 95 23.13 3.25 -10.79
CA TYR E 95 22.48 2.34 -11.74
C TYR E 95 22.40 0.99 -11.05
N ILE E 96 21.28 0.32 -11.17
CA ILE E 96 21.19 -1.03 -10.61
C ILE E 96 20.68 -1.96 -11.70
N HIS E 97 21.44 -3.02 -11.99
CA HIS E 97 20.99 -3.97 -12.98
C HIS E 97 20.25 -5.09 -12.28
N PHE E 98 18.98 -5.25 -12.65
CA PHE E 98 18.12 -6.28 -12.07
C PHE E 98 18.24 -7.52 -12.94
N VAL E 99 18.52 -8.64 -12.30
CA VAL E 99 18.73 -9.90 -13.01
C VAL E 99 17.95 -11.03 -12.36
N ASN E 100 17.09 -11.70 -13.13
CA ASN E 100 16.32 -12.81 -12.58
C ASN E 100 17.05 -14.06 -12.99
N LEU E 101 17.49 -14.80 -11.99
CA LEU E 101 18.27 -16.01 -12.21
C LEU E 101 17.48 -17.30 -12.28
N ASN E 102 17.96 -18.20 -13.15
CA ASN E 102 17.37 -19.52 -13.28
C ASN E 102 18.05 -20.34 -12.20
N GLY E 103 17.26 -21.04 -11.39
CA GLY E 103 17.82 -21.83 -10.32
C GLY E 103 18.91 -22.75 -10.80
N ASP E 104 18.67 -23.39 -11.94
CA ASP E 104 19.64 -24.31 -12.51
C ASP E 104 20.96 -23.62 -12.78
N ASP E 105 20.97 -22.28 -12.74
CA ASP E 105 22.19 -21.49 -12.99
C ASP E 105 22.85 -20.98 -11.71
N VAL E 106 22.35 -21.39 -10.56
CA VAL E 106 22.90 -20.93 -9.30
C VAL E 106 23.41 -22.06 -8.42
N GLY E 107 24.64 -21.92 -7.96
CA GLY E 107 25.25 -22.92 -7.10
C GLY E 107 25.30 -22.48 -5.67
N TRP E 108 24.82 -23.35 -4.78
CA TRP E 108 24.80 -23.09 -3.37
C TRP E 108 24.82 -24.41 -2.62
N ASN E 109 25.61 -24.47 -1.57
CA ASN E 109 25.74 -25.65 -0.73
C ASN E 109 26.13 -26.87 -1.57
N GLY E 110 27.02 -26.67 -2.53
CA GLY E 110 27.48 -27.78 -3.36
C GLY E 110 26.55 -28.35 -4.42
N THR E 111 25.34 -27.81 -4.54
CA THR E 111 24.40 -28.27 -5.55
C THR E 111 23.84 -27.06 -6.32
N THR E 112 22.66 -27.20 -6.90
CA THR E 112 22.03 -26.11 -7.63
C THR E 112 20.54 -26.15 -7.44
N PHE E 113 19.88 -25.03 -7.71
CA PHE E 113 18.44 -24.95 -7.55
C PHE E 113 17.72 -25.25 -8.86
N PRO F 1 25.47 3.66 -20.22
CA PRO F 1 26.39 2.52 -20.35
C PRO F 1 27.29 2.41 -19.13
N ILE F 2 27.80 1.21 -18.89
CA ILE F 2 28.73 0.99 -17.79
C ILE F 2 29.90 0.18 -18.31
N PHE F 3 31.11 0.65 -18.03
CA PHE F 3 32.30 -0.10 -18.39
C PHE F 3 33.03 -0.30 -17.07
N THR F 4 33.18 -1.55 -16.66
CA THR F 4 33.85 -1.92 -15.39
C THR F 4 35.00 -2.89 -15.65
N LEU F 5 36.17 -2.60 -15.09
CA LEU F 5 37.33 -3.43 -15.34
C LEU F 5 38.05 -3.86 -14.07
N ASN F 6 38.47 -5.12 -14.00
CA ASN F 6 39.19 -5.66 -12.84
C ASN F 6 40.59 -6.05 -13.27
N THR F 7 41.58 -5.68 -12.48
CA THR F 7 42.94 -6.00 -12.88
C THR F 7 43.91 -6.16 -11.72
N ASN F 8 45.01 -6.85 -11.99
CA ASN F 8 46.04 -7.07 -10.98
C ASN F 8 47.15 -6.03 -11.02
N ILE F 9 47.01 -5.00 -11.87
CA ILE F 9 48.04 -3.96 -11.91
C ILE F 9 47.79 -3.00 -10.75
N LYS F 10 48.85 -2.32 -10.31
CA LYS F 10 48.76 -1.40 -9.20
C LYS F 10 48.03 -0.11 -9.56
N ALA F 11 47.31 0.44 -8.59
CA ALA F 11 46.59 1.68 -8.80
C ALA F 11 47.56 2.79 -9.17
N THR F 12 48.80 2.66 -8.72
CA THR F 12 49.84 3.65 -8.98
C THR F 12 50.26 3.71 -10.44
N ASP F 13 49.87 2.69 -11.21
CA ASP F 13 50.24 2.61 -12.62
C ASP F 13 49.13 3.06 -13.56
N VAL F 14 47.90 3.08 -13.06
CA VAL F 14 46.77 3.51 -13.86
C VAL F 14 46.94 5.01 -14.12
N PRO F 15 46.94 5.41 -15.41
CA PRO F 15 47.10 6.83 -15.74
C PRO F 15 45.97 7.68 -15.20
N SER F 16 46.26 8.94 -14.89
CA SER F 16 45.27 9.84 -14.33
C SER F 16 44.13 10.17 -15.29
N ASP F 17 44.34 9.91 -16.58
CA ASP F 17 43.31 10.23 -17.56
C ASP F 17 42.50 8.99 -17.97
N PHE F 18 42.73 7.87 -17.29
CA PHE F 18 42.01 6.65 -17.62
C PHE F 18 40.49 6.78 -17.60
N LEU F 19 39.92 7.32 -16.51
CA LEU F 19 38.47 7.44 -16.40
C LEU F 19 37.90 8.40 -17.43
N SER F 20 38.52 9.56 -17.54
CA SER F 20 38.09 10.57 -18.48
C SER F 20 38.14 10.08 -19.93
N SER F 21 39.27 9.51 -20.33
CA SER F 21 39.41 9.02 -21.69
C SER F 21 38.51 7.83 -21.99
N THR F 22 38.33 6.94 -21.03
CA THR F 22 37.48 5.79 -21.28
C THR F 22 36.00 6.16 -21.36
N SER F 23 35.56 7.10 -20.54
CA SER F 23 34.15 7.52 -20.57
C SER F 23 33.82 8.09 -21.94
N ALA F 24 34.73 8.91 -22.46
CA ALA F 24 34.56 9.54 -23.76
C ALA F 24 34.45 8.48 -24.85
N LEU F 25 35.42 7.57 -24.90
CA LEU F 25 35.43 6.53 -25.91
C LEU F 25 34.13 5.72 -25.85
N VAL F 26 33.78 5.27 -24.65
CA VAL F 26 32.56 4.47 -24.49
C VAL F 26 31.33 5.18 -25.06
N GLY F 27 31.18 6.47 -24.76
CA GLY F 27 30.05 7.21 -25.29
C GLY F 27 30.07 7.23 -26.81
N ASN F 28 31.27 7.37 -27.36
CA ASN F 28 31.46 7.43 -28.81
C ASN F 28 31.03 6.17 -29.56
N ILE F 29 31.59 5.04 -29.18
CA ILE F 29 31.29 3.78 -29.84
C ILE F 29 29.84 3.33 -29.67
N LEU F 30 29.21 3.67 -28.55
CA LEU F 30 27.83 3.26 -28.34
C LEU F 30 26.86 4.35 -28.73
N SER F 31 27.39 5.49 -29.17
CA SER F 31 26.55 6.61 -29.56
C SER F 31 25.55 6.95 -28.43
N LYS F 32 26.09 7.09 -27.23
CA LYS F 32 25.28 7.44 -26.05
C LYS F 32 25.81 8.75 -25.48
N PRO F 33 24.93 9.59 -24.91
CA PRO F 33 25.39 10.85 -24.33
C PRO F 33 26.29 10.55 -23.14
N GLY F 34 27.37 11.30 -23.01
CA GLY F 34 28.30 11.09 -21.92
C GLY F 34 27.68 11.17 -20.53
N SER F 35 26.57 11.87 -20.41
CA SER F 35 25.89 12.03 -19.13
C SER F 35 25.41 10.69 -18.55
N TYR F 36 25.22 9.69 -19.41
CA TYR F 36 24.75 8.37 -18.98
C TYR F 36 25.84 7.33 -18.84
N VAL F 37 27.08 7.71 -19.10
CA VAL F 37 28.20 6.78 -19.04
C VAL F 37 28.88 6.66 -17.68
N ALA F 38 29.05 5.43 -17.22
CA ALA F 38 29.73 5.18 -15.96
C ALA F 38 30.98 4.34 -16.30
N VAL F 39 32.12 4.70 -15.70
CA VAL F 39 33.38 4.00 -15.93
C VAL F 39 33.98 3.62 -14.57
N HIS F 40 34.44 2.38 -14.46
CA HIS F 40 34.99 1.87 -13.20
C HIS F 40 36.20 0.96 -13.40
N ILE F 41 37.22 1.11 -12.56
CA ILE F 41 38.40 0.25 -12.61
C ILE F 41 38.84 -0.17 -11.19
N ASN F 42 38.89 -1.47 -10.95
CA ASN F 42 39.29 -2.05 -9.65
C ASN F 42 40.69 -2.62 -9.81
N THR F 43 41.65 -2.03 -9.11
CA THR F 43 43.06 -2.43 -9.19
C THR F 43 43.56 -3.30 -8.05
N ASP F 44 44.85 -3.60 -8.10
CA ASP F 44 45.52 -4.41 -7.07
C ASP F 44 44.77 -5.69 -6.72
N GLN F 45 44.20 -6.33 -7.73
CA GLN F 45 43.44 -7.55 -7.47
C GLN F 45 44.26 -8.82 -7.62
N GLN F 46 43.84 -9.87 -6.92
CA GLN F 46 44.49 -11.17 -7.01
C GLN F 46 43.88 -11.74 -8.30
N LEU F 47 44.61 -11.64 -9.40
CA LEU F 47 44.13 -12.11 -10.69
C LEU F 47 45.15 -12.92 -11.50
N SER F 48 44.79 -14.16 -11.85
CA SER F 48 45.66 -15.00 -12.66
C SER F 48 45.00 -15.21 -14.03
N PHE F 49 45.82 -15.20 -15.07
CA PHE F 49 45.35 -15.39 -16.43
C PHE F 49 46.28 -16.44 -17.04
N GLY F 50 45.71 -17.54 -17.52
CA GLY F 50 46.53 -18.60 -18.09
C GLY F 50 47.50 -19.14 -17.04
N GLY F 51 47.07 -19.13 -15.78
CA GLY F 51 47.92 -19.61 -14.70
C GLY F 51 49.05 -18.67 -14.34
N SER F 52 49.03 -17.46 -14.89
CA SER F 52 50.06 -16.45 -14.64
C SER F 52 49.52 -15.23 -13.91
N THR F 53 50.36 -14.62 -13.07
CA THR F 53 49.95 -13.45 -12.32
C THR F 53 50.48 -12.17 -12.98
N ASN F 54 51.09 -12.33 -14.15
CA ASN F 54 51.58 -11.19 -14.91
C ASN F 54 50.37 -10.30 -15.19
N PRO F 55 50.61 -9.02 -15.50
CA PRO F 55 49.48 -8.13 -15.78
C PRO F 55 48.39 -8.70 -16.68
N ALA F 56 47.17 -8.62 -16.21
CA ALA F 56 46.02 -9.12 -16.96
C ALA F 56 44.80 -8.40 -16.44
N ALA F 57 43.67 -8.62 -17.08
CA ALA F 57 42.45 -7.94 -16.66
C ALA F 57 41.23 -8.57 -17.31
N PHE F 58 40.06 -8.18 -16.81
CA PHE F 58 38.81 -8.66 -17.37
C PHE F 58 37.76 -7.69 -16.90
N GLY F 59 36.88 -7.31 -17.80
CA GLY F 59 35.84 -6.37 -17.46
C GLY F 59 34.58 -6.62 -18.26
N THR F 60 33.62 -5.73 -18.08
CA THR F 60 32.34 -5.84 -18.77
C THR F 60 31.91 -4.50 -19.31
N LEU F 61 31.34 -4.49 -20.50
CA LEU F 61 30.78 -3.28 -21.09
C LEU F 61 29.29 -3.58 -21.23
N MET F 62 28.44 -2.84 -20.53
CA MET F 62 27.01 -3.06 -20.65
C MET F 62 26.34 -1.79 -21.11
N SER F 63 25.24 -1.93 -21.84
CA SER F 63 24.55 -0.77 -22.37
C SER F 63 23.16 -1.14 -22.84
N ILE F 64 22.23 -0.18 -22.78
CA ILE F 64 20.88 -0.41 -23.26
C ILE F 64 20.96 -0.04 -24.74
N GLY F 65 21.27 -1.01 -25.59
CA GLY F 65 21.43 -0.72 -27.01
C GLY F 65 22.88 -0.43 -27.38
N GLY F 66 23.24 -0.78 -28.61
CA GLY F 66 24.58 -0.57 -29.11
C GLY F 66 25.53 -1.75 -28.93
N ILE F 67 25.13 -2.74 -28.14
CA ILE F 67 25.97 -3.90 -27.86
C ILE F 67 25.51 -5.19 -28.52
N GLU F 68 25.21 -5.13 -29.80
CA GLU F 68 24.75 -6.31 -30.50
C GLU F 68 25.91 -7.09 -31.14
N PRO F 69 25.69 -8.37 -31.42
CA PRO F 69 26.73 -9.21 -32.03
C PRO F 69 27.40 -8.56 -33.23
N SER F 70 26.62 -7.91 -34.07
CA SER F 70 27.13 -7.27 -35.27
C SER F 70 28.08 -6.12 -35.01
N ARG F 71 28.09 -5.62 -33.78
CA ARG F 71 28.93 -4.48 -33.45
C ARG F 71 30.09 -4.79 -32.51
N ASN F 72 30.01 -5.88 -31.76
CA ASN F 72 31.04 -6.18 -30.78
C ASN F 72 32.48 -6.31 -31.25
N ARG F 73 32.72 -6.79 -32.48
CA ARG F 73 34.11 -6.87 -32.90
C ARG F 73 34.69 -5.46 -33.07
N ASP F 74 33.89 -4.53 -33.57
CA ASP F 74 34.38 -3.16 -33.71
C ASP F 74 34.63 -2.62 -32.28
N HIS F 75 33.71 -2.90 -31.36
CA HIS F 75 33.88 -2.42 -29.98
C HIS F 75 35.13 -3.00 -29.35
N SER F 76 35.34 -4.30 -29.54
CA SER F 76 36.50 -4.97 -28.97
C SER F 76 37.79 -4.43 -29.56
N ALA F 77 37.79 -4.15 -30.86
CA ALA F 77 38.97 -3.62 -31.52
C ALA F 77 39.38 -2.31 -30.87
N LYS F 78 38.43 -1.38 -30.78
CA LYS F 78 38.71 -0.08 -30.19
C LYS F 78 39.05 -0.12 -28.71
N LEU F 79 38.23 -0.82 -27.93
CA LEU F 79 38.49 -0.90 -26.50
C LEU F 79 39.84 -1.52 -26.16
N PHE F 80 40.23 -2.58 -26.86
CA PHE F 80 41.50 -3.21 -26.56
C PHE F 80 42.72 -2.35 -26.88
N ASP F 81 42.64 -1.58 -27.95
CA ASP F 81 43.78 -0.72 -28.29
C ASP F 81 43.95 0.27 -27.14
N HIS F 82 42.83 0.80 -26.69
CA HIS F 82 42.78 1.77 -25.59
C HIS F 82 43.33 1.15 -24.31
N LEU F 83 42.72 0.06 -23.85
CA LEU F 83 43.18 -0.60 -22.63
C LEU F 83 44.65 -1.02 -22.71
N ASN F 84 45.10 -1.47 -23.87
CA ASN F 84 46.50 -1.87 -24.02
C ASN F 84 47.42 -0.67 -23.82
N THR F 85 47.03 0.46 -24.40
CA THR F 85 47.82 1.66 -24.31
C THR F 85 47.85 2.22 -22.90
N LYS F 86 46.67 2.42 -22.32
CA LYS F 86 46.52 2.97 -20.98
C LYS F 86 47.16 2.09 -19.94
N LEU F 87 46.70 0.85 -19.81
CA LEU F 87 47.26 -0.04 -18.81
C LEU F 87 48.53 -0.83 -19.22
N GLY F 88 48.83 -0.89 -20.53
CA GLY F 88 50.02 -1.61 -20.98
C GLY F 88 49.91 -3.13 -20.84
N ILE F 89 48.69 -3.60 -20.58
CA ILE F 89 48.45 -5.02 -20.45
C ILE F 89 48.37 -5.56 -21.87
N PRO F 90 48.96 -6.73 -22.13
CA PRO F 90 48.91 -7.29 -23.49
C PRO F 90 47.48 -7.74 -23.82
N LYS F 91 47.06 -7.50 -25.05
CA LYS F 91 45.71 -7.85 -25.50
C LYS F 91 45.31 -9.32 -25.33
N ASN F 92 46.30 -10.20 -25.28
CA ASN F 92 45.98 -11.62 -25.11
C ASN F 92 45.78 -11.96 -23.64
N ARG F 93 45.88 -10.96 -22.77
CA ARG F 93 45.69 -11.21 -21.34
C ARG F 93 44.50 -10.46 -20.78
N MET F 94 43.56 -10.08 -21.66
CA MET F 94 42.37 -9.37 -21.21
C MET F 94 41.14 -9.97 -21.87
N TYR F 95 40.03 -9.94 -21.15
CA TYR F 95 38.73 -10.41 -21.60
C TYR F 95 37.71 -9.32 -21.34
N ILE F 96 36.83 -9.06 -22.30
CA ILE F 96 35.78 -8.06 -22.09
C ILE F 96 34.47 -8.73 -22.45
N HIS F 97 33.54 -8.73 -21.50
CA HIS F 97 32.21 -9.31 -21.70
C HIS F 97 31.27 -8.18 -22.16
N PHE F 98 30.62 -8.38 -23.31
CA PHE F 98 29.73 -7.37 -23.87
C PHE F 98 28.31 -7.78 -23.50
N VAL F 99 27.58 -6.87 -22.87
CA VAL F 99 26.23 -7.17 -22.41
C VAL F 99 25.20 -6.15 -22.91
N ASN F 100 24.19 -6.62 -23.64
CA ASN F 100 23.14 -5.73 -24.12
C ASN F 100 22.03 -5.77 -23.07
N LEU F 101 21.70 -4.61 -22.51
CA LEU F 101 20.66 -4.55 -21.48
C LEU F 101 19.30 -4.09 -21.98
N ASN F 102 18.28 -4.54 -21.26
CA ASN F 102 16.91 -4.11 -21.54
C ASN F 102 16.67 -2.98 -20.55
N GLY F 103 16.12 -1.87 -21.05
CA GLY F 103 15.83 -0.73 -20.21
C GLY F 103 15.00 -1.03 -18.99
N ASP F 104 14.03 -1.95 -19.09
CA ASP F 104 13.21 -2.28 -17.94
C ASP F 104 13.91 -3.12 -16.89
N ASP F 105 15.17 -3.46 -17.13
CA ASP F 105 15.98 -4.22 -16.18
C ASP F 105 17.04 -3.29 -15.55
N VAL F 106 16.99 -2.00 -15.87
CA VAL F 106 17.99 -1.08 -15.32
C VAL F 106 17.34 -0.01 -14.45
N GLY F 107 17.68 -0.03 -13.18
CA GLY F 107 17.16 0.97 -12.26
C GLY F 107 18.07 2.19 -12.30
N TRP F 108 17.45 3.37 -12.24
CA TRP F 108 18.19 4.63 -12.26
C TRP F 108 17.20 5.68 -11.74
N ASN F 109 17.70 6.59 -10.92
CA ASN F 109 16.85 7.66 -10.40
C ASN F 109 15.55 7.17 -9.73
N GLY F 110 15.57 5.98 -9.14
CA GLY F 110 14.41 5.45 -8.44
C GLY F 110 13.33 4.82 -9.29
N THR F 111 13.57 4.76 -10.59
CA THR F 111 12.62 4.15 -11.51
C THR F 111 13.46 3.28 -12.43
N THR F 112 12.98 3.00 -13.64
CA THR F 112 13.80 2.20 -14.55
C THR F 112 13.82 2.90 -15.87
N PHE F 113 14.70 2.46 -16.77
CA PHE F 113 14.74 3.07 -18.08
C PHE F 113 13.71 2.26 -18.89
#